data_4J3Q
#
_entry.id   4J3Q
#
_cell.length_a   51.790
_cell.length_b   95.290
_cell.length_c   139.470
_cell.angle_alpha   90.00
_cell.angle_beta   90.00
_cell.angle_gamma   90.00
#
_symmetry.space_group_name_H-M   'P 21 21 21'
#
loop_
_entity.id
_entity.type
_entity.pdbx_description
1 polymer 'catechol oxidase'
2 branched 2-acetamido-2-deoxy-beta-D-glucopyranose-(1-4)-2-acetamido-2-deoxy-beta-D-glucopyranose
3 non-polymer 'COPPER (II) ION'
4 non-polymer 2-acetamido-2-deoxy-beta-D-glucopyranose
5 water water
#
_entity_poly.entity_id   1
_entity_poly.type   'polypeptide(L)'
_entity_poly.pdbx_seq_one_letter_code
;GGCTLQNLRVRRDWRAFSKTQKKDYINSVLCLQKLPSRTPAHLAPGARTRYDDFVATHINQTQIIHYTGTFLAWHRYFIY
EFEQALRDECSYTGDYPYWNWGADADNMEKSQVFDGSETSMSGNGEYIPNQGDIKLLLGNYPAIDLPPGSGGGCVTSGPF
KDYKLNLGPAALSLPGGNMTAAANPLTYNPRCMKRSLTTEILQRYNTFPKIVELILDSDDIWDFQMTMQGVPGSGSIGVH
GGGHYSMGGDPGRDVYVSPGDTAFWLHHGMIDRVWWIWQNLDLRKRQNAISGTGTFMNNPASPNTTLDTVIDLGYANGGP
IAMRDLMSTTAGPFCYVYL
;
_entity_poly.pdbx_strand_id   A,B
#
# COMPACT_ATOMS: atom_id res chain seq x y z
N GLY A 2 21.23 19.97 -25.08
CA GLY A 2 21.58 18.95 -24.05
C GLY A 2 21.98 17.57 -24.59
N CYS A 3 20.99 16.75 -24.91
CA CYS A 3 21.29 15.47 -25.57
C CYS A 3 21.61 15.75 -27.04
N THR A 4 22.80 15.35 -27.45
CA THR A 4 23.26 15.58 -28.80
C THR A 4 23.85 14.28 -29.33
N LEU A 5 23.96 14.19 -30.66
CA LEU A 5 24.56 13.04 -31.34
C LEU A 5 25.92 12.68 -30.80
N GLN A 6 26.61 13.63 -30.20
CA GLN A 6 28.00 13.45 -29.75
C GLN A 6 28.12 12.71 -28.43
N ASN A 7 27.14 12.91 -27.54
CA ASN A 7 27.16 12.33 -26.20
C ASN A 7 26.05 11.26 -26.00
N LEU A 8 25.43 10.89 -27.11
CA LEU A 8 24.51 9.77 -27.17
C LEU A 8 25.20 8.47 -26.75
N ARG A 9 24.61 7.75 -25.79
CA ARG A 9 25.09 6.42 -25.39
C ARG A 9 24.19 5.36 -26.01
N VAL A 10 24.72 4.17 -26.21
CA VAL A 10 23.94 3.10 -26.79
C VAL A 10 23.71 1.98 -25.76
N ARG A 11 22.48 1.44 -25.69
CA ARG A 11 22.21 0.29 -24.81
C ARG A 11 22.11 -0.95 -25.66
N ARG A 12 22.75 -2.04 -25.23
CA ARG A 12 22.95 -3.19 -26.12
C ARG A 12 22.62 -4.52 -25.47
N ASP A 13 22.22 -5.48 -26.29
CA ASP A 13 21.88 -6.83 -25.87
C ASP A 13 23.10 -7.42 -25.20
N TRP A 14 22.91 -8.25 -24.17
CA TRP A 14 24.04 -8.92 -23.51
C TRP A 14 24.73 -9.87 -24.48
N ARG A 15 23.96 -10.46 -25.38
CA ARG A 15 24.52 -11.35 -26.36
C ARG A 15 25.51 -10.63 -27.27
N ALA A 16 25.45 -9.31 -27.27
CA ALA A 16 26.30 -8.46 -28.11
C ALA A 16 27.55 -7.92 -27.40
N PHE A 17 27.72 -8.25 -26.13
CA PHE A 17 28.92 -7.89 -25.39
C PHE A 17 29.96 -8.95 -25.66
N SER A 18 31.20 -8.54 -25.89
CA SER A 18 32.30 -9.50 -25.92
C SER A 18 32.61 -10.05 -24.51
N LYS A 19 33.34 -11.16 -24.44
CA LYS A 19 33.88 -11.69 -23.19
C LYS A 19 34.52 -10.60 -22.31
N THR A 20 35.28 -9.68 -22.92
CA THR A 20 35.96 -8.66 -22.15
C THR A 20 34.94 -7.62 -21.70
N GLN A 21 33.94 -7.35 -22.54
CA GLN A 21 32.92 -6.36 -22.22
C GLN A 21 32.00 -6.86 -21.12
N LYS A 22 31.70 -8.15 -21.16
CA LYS A 22 30.87 -8.76 -20.13
C LYS A 22 31.50 -8.67 -18.74
N LYS A 23 32.78 -9.03 -18.66
CA LYS A 23 33.48 -9.00 -17.37
C LYS A 23 33.65 -7.58 -16.86
N ASP A 24 33.84 -6.62 -17.75
CA ASP A 24 33.95 -5.24 -17.31
C ASP A 24 32.69 -4.87 -16.54
N TYR A 25 31.54 -5.19 -17.12
CA TYR A 25 30.28 -4.93 -16.49
C TYR A 25 30.12 -5.66 -15.15
N ILE A 26 30.26 -7.00 -15.18
CA ILE A 26 30.23 -7.84 -13.98
C ILE A 26 31.10 -7.36 -12.81
N ASN A 27 32.37 -7.03 -13.11
CA ASN A 27 33.28 -6.44 -12.13
C ASN A 27 32.78 -5.14 -11.52
N SER A 28 32.13 -4.31 -12.32
CA SER A 28 31.52 -3.06 -11.83
C SER A 28 30.47 -3.27 -10.74
N VAL A 29 29.73 -4.37 -10.88
CA VAL A 29 28.60 -4.62 -10.04
C VAL A 29 29.16 -5.17 -8.76
N LEU A 30 30.18 -6.01 -8.90
CA LEU A 30 30.95 -6.46 -7.74
C LEU A 30 31.53 -5.29 -6.95
N CYS A 31 31.93 -4.21 -7.65
CA CYS A 31 32.53 -3.08 -6.97
C CYS A 31 31.46 -2.36 -6.15
N LEU A 32 30.25 -2.28 -6.69
CA LEU A 32 29.10 -1.76 -5.94
C LEU A 32 28.80 -2.56 -4.68
N GLN A 33 29.07 -3.86 -4.73
CA GLN A 33 28.85 -4.77 -3.58
C GLN A 33 29.97 -4.72 -2.53
N LYS A 34 31.09 -4.06 -2.84
CA LYS A 34 32.16 -3.78 -1.86
C LYS A 34 32.08 -2.41 -1.17
N LEU A 35 31.62 -1.39 -1.89
CA LEU A 35 31.53 -0.02 -1.38
C LEU A 35 30.53 0.13 -0.26
N PRO A 36 30.88 0.89 0.80
CA PRO A 36 29.98 1.03 1.94
C PRO A 36 28.71 1.80 1.59
N SER A 37 27.59 1.45 2.24
CA SER A 37 26.28 2.09 1.98
C SER A 37 26.19 3.52 2.48
N ARG A 38 25.30 4.28 1.84
CA ARG A 38 25.00 5.66 2.23
C ARG A 38 23.75 5.76 3.09
N THR A 39 22.85 4.79 2.98
CA THR A 39 21.57 4.83 3.71
C THR A 39 21.86 4.80 5.20
N PRO A 40 21.38 5.82 5.95
CA PRO A 40 21.64 5.94 7.37
C PRO A 40 21.18 4.70 8.13
N ALA A 41 22.07 4.17 8.97
CA ALA A 41 21.86 2.91 9.72
C ALA A 41 20.50 2.76 10.41
N HIS A 42 19.98 3.82 11.03
CA HIS A 42 18.69 3.72 11.71
C HIS A 42 17.47 3.53 10.79
N LEU A 43 17.59 3.91 9.53
CA LEU A 43 16.49 3.69 8.58
C LEU A 43 16.57 2.29 7.92
N ALA A 44 17.79 1.83 7.63
CA ALA A 44 17.96 0.46 7.10
C ALA A 44 19.17 -0.20 7.72
N PRO A 45 19.01 -0.78 8.91
CA PRO A 45 20.11 -1.39 9.66
C PRO A 45 20.78 -2.55 8.94
N GLY A 46 20.08 -3.12 7.96
CA GLY A 46 20.56 -4.27 7.23
C GLY A 46 21.43 -3.92 6.06
N ALA A 47 21.44 -2.63 5.70
CA ALA A 47 22.23 -2.16 4.58
C ALA A 47 23.71 -2.21 4.93
N ARG A 48 24.55 -2.59 3.97
CA ARG A 48 26.01 -2.55 4.14
C ARG A 48 26.68 -1.90 2.92
N THR A 49 26.16 -2.20 1.75
CA THR A 49 26.82 -1.81 0.52
C THR A 49 26.00 -0.87 -0.29
N ARG A 50 26.60 -0.28 -1.31
CA ARG A 50 25.89 0.64 -2.17
C ARG A 50 24.77 -0.10 -2.92
N TYR A 51 25.06 -1.33 -3.30
CA TYR A 51 24.07 -2.19 -3.90
C TYR A 51 22.85 -2.36 -2.99
N ASP A 52 23.08 -2.62 -1.71
CA ASP A 52 22.02 -2.57 -0.70
C ASP A 52 21.16 -1.30 -0.73
N ASP A 53 21.80 -0.15 -1.03
CA ASP A 53 21.12 1.14 -1.06
C ASP A 53 20.01 1.14 -2.09
N PHE A 54 20.30 0.53 -3.24
CA PHE A 54 19.34 0.33 -4.31
C PHE A 54 18.28 -0.67 -3.93
N VAL A 55 18.69 -1.72 -3.25
CA VAL A 55 17.74 -2.74 -2.86
C VAL A 55 16.77 -2.15 -1.84
N ALA A 56 17.30 -1.30 -0.94
CA ALA A 56 16.49 -0.74 0.15
C ALA A 56 15.46 0.22 -0.40
N THR A 57 15.84 1.06 -1.34
CA THR A 57 14.86 2.02 -1.84
C THR A 57 13.71 1.31 -2.54
N HIS A 58 13.97 0.19 -3.18
CA HIS A 58 12.95 -0.60 -3.90
C HIS A 58 11.94 -1.21 -2.92
N ILE A 59 12.46 -1.85 -1.87
CA ILE A 59 11.66 -2.30 -0.73
C ILE A 59 10.86 -1.13 -0.17
N ASN A 60 11.52 -0.02 0.10
CA ASN A 60 10.83 1.11 0.69
C ASN A 60 9.70 1.63 -0.19
N GLN A 61 9.86 1.55 -1.50
CA GLN A 61 8.89 2.22 -2.38
C GLN A 61 7.99 1.28 -3.16
N THR A 62 8.08 -0.02 -2.93
CA THR A 62 7.40 -1.00 -3.77
C THR A 62 5.90 -0.75 -3.94
N GLN A 63 5.24 -0.36 -2.84
CA GLN A 63 3.81 0.02 -2.77
C GLN A 63 3.41 1.17 -3.69
N ILE A 64 4.37 1.98 -4.13
CA ILE A 64 4.05 3.17 -4.93
C ILE A 64 4.67 3.21 -6.33
N ILE A 65 5.20 2.07 -6.78
CA ILE A 65 6.00 1.99 -8.01
C ILE A 65 5.68 0.77 -8.88
N HIS A 66 4.68 -0.01 -8.51
CA HIS A 66 4.24 -1.10 -9.34
C HIS A 66 2.73 -0.93 -9.43
N TYR A 67 2.16 -1.06 -10.62
CA TYR A 67 0.72 -0.77 -10.86
C TYR A 67 0.34 0.68 -10.53
N THR A 68 1.29 1.58 -10.75
CA THR A 68 1.09 3.01 -10.60
C THR A 68 1.38 3.68 -11.93
N GLY A 69 1.11 4.98 -11.97
CA GLY A 69 1.33 5.76 -13.17
C GLY A 69 2.82 6.00 -13.33
N THR A 70 3.56 5.77 -12.24
CA THR A 70 4.99 6.02 -12.21
C THR A 70 5.87 4.79 -12.42
N PHE A 71 5.26 3.65 -12.73
CA PHE A 71 5.99 2.38 -12.83
C PHE A 71 7.09 2.42 -13.86
N LEU A 72 6.73 2.70 -15.11
CA LEU A 72 7.72 2.70 -16.18
C LEU A 72 8.75 3.76 -15.95
N ALA A 73 8.31 4.97 -15.63
CA ALA A 73 9.25 6.08 -15.50
C ALA A 73 10.14 5.92 -14.30
N TRP A 74 9.59 5.41 -13.20
CA TRP A 74 10.37 5.28 -11.99
C TRP A 74 11.44 4.25 -12.22
N HIS A 75 11.10 3.14 -12.84
CA HIS A 75 12.12 2.15 -13.17
C HIS A 75 13.17 2.61 -14.17
N ARG A 76 12.76 3.51 -15.07
CA ARG A 76 13.67 4.06 -16.05
C ARG A 76 14.72 4.90 -15.32
N TYR A 77 14.27 5.69 -14.36
CA TYR A 77 15.19 6.46 -13.55
C TYR A 77 16.10 5.58 -12.69
N PHE A 78 15.49 4.59 -12.05
CA PHE A 78 16.16 3.70 -11.15
C PHE A 78 17.37 3.12 -11.83
N ILE A 79 17.18 2.40 -12.94
CA ILE A 79 18.27 1.75 -13.68
C ILE A 79 19.21 2.78 -14.29
N TYR A 80 18.73 3.99 -14.50
CA TYR A 80 19.62 5.05 -14.92
C TYR A 80 20.58 5.39 -13.82
N GLU A 81 20.08 5.57 -12.60
CA GLU A 81 20.93 6.01 -11.50
C GLU A 81 21.86 4.90 -11.01
N PHE A 82 21.43 3.65 -11.15
CA PHE A 82 22.32 2.51 -11.02
C PHE A 82 23.45 2.61 -12.05
N GLU A 83 23.13 2.73 -13.31
CA GLU A 83 24.19 2.89 -14.29
C GLU A 83 25.15 4.02 -13.85
N GLN A 84 24.59 5.15 -13.41
CA GLN A 84 25.41 6.27 -13.01
C GLN A 84 26.30 5.89 -11.84
N ALA A 85 25.83 5.04 -10.93
CA ALA A 85 26.68 4.55 -9.84
C ALA A 85 27.87 3.78 -10.39
N LEU A 86 27.60 2.82 -11.27
CA LEU A 86 28.65 2.04 -11.92
C LEU A 86 29.70 2.92 -12.59
N ARG A 87 29.29 4.05 -13.16
CA ARG A 87 30.24 4.92 -13.83
C ARG A 87 31.00 5.81 -12.86
N ASP A 88 30.29 6.45 -11.94
CA ASP A 88 30.89 7.47 -11.12
C ASP A 88 31.66 6.90 -9.94
N GLU A 89 31.29 5.71 -9.50
CA GLU A 89 31.91 5.12 -8.31
C GLU A 89 32.73 3.86 -8.60
N CYS A 90 32.35 3.15 -9.67
CA CYS A 90 33.00 1.90 -10.07
C CYS A 90 33.80 1.97 -11.37
N SER A 91 33.89 3.16 -11.97
CA SER A 91 34.69 3.43 -13.19
C SER A 91 34.36 2.60 -14.44
N TYR A 92 33.09 2.20 -14.56
CA TYR A 92 32.56 1.52 -15.72
C TYR A 92 32.42 2.50 -16.87
N THR A 93 32.88 2.05 -18.04
CA THR A 93 32.92 2.89 -19.22
C THR A 93 32.26 2.17 -20.42
N GLY A 94 31.78 0.95 -20.20
CA GLY A 94 31.05 0.21 -21.23
C GLY A 94 29.58 0.59 -21.35
N ASP A 95 28.77 -0.27 -21.96
CA ASP A 95 27.38 0.05 -22.24
C ASP A 95 26.42 -0.65 -21.29
N TYR A 96 25.20 -0.12 -21.19
CA TYR A 96 24.20 -0.75 -20.38
C TYR A 96 23.64 -1.93 -21.14
N PRO A 97 23.62 -3.09 -20.48
CA PRO A 97 23.14 -4.30 -21.11
C PRO A 97 21.67 -4.53 -20.84
N TYR A 98 20.99 -5.26 -21.74
CA TYR A 98 19.66 -5.75 -21.44
C TYR A 98 19.57 -7.23 -21.69
N TRP A 99 18.51 -7.86 -21.21
CA TRP A 99 18.32 -9.28 -21.38
C TRP A 99 17.17 -9.53 -22.35
N ASN A 100 17.49 -10.03 -23.54
CA ASN A 100 16.46 -10.22 -24.52
C ASN A 100 15.74 -11.53 -24.22
N TRP A 101 14.64 -11.47 -23.49
CA TRP A 101 13.94 -12.69 -23.02
C TRP A 101 13.72 -13.67 -24.15
N GLY A 102 13.18 -13.16 -25.26
CA GLY A 102 12.81 -13.99 -26.40
C GLY A 102 13.84 -15.04 -26.80
N ALA A 103 15.10 -14.67 -26.78
CA ALA A 103 16.19 -15.55 -27.24
C ALA A 103 16.52 -16.71 -26.29
N ASP A 104 15.90 -16.73 -25.12
CA ASP A 104 16.21 -17.78 -24.14
C ASP A 104 15.00 -18.64 -23.70
N ALA A 105 13.87 -18.46 -24.37
CA ALA A 105 12.61 -19.00 -23.92
C ALA A 105 12.38 -20.51 -24.21
N ASP A 106 13.30 -21.15 -24.93
CA ASP A 106 13.22 -22.59 -25.13
C ASP A 106 14.13 -23.32 -24.15
N ASN A 107 15.15 -22.61 -23.67
CA ASN A 107 16.12 -23.16 -22.74
C ASN A 107 16.87 -22.08 -21.93
N MET A 108 16.30 -21.72 -20.79
CA MET A 108 16.85 -20.66 -19.98
C MET A 108 18.24 -20.99 -19.39
N GLU A 109 18.56 -22.28 -19.21
CA GLU A 109 19.80 -22.70 -18.56
C GLU A 109 20.97 -22.46 -19.49
N LYS A 110 20.67 -22.27 -20.77
CA LYS A 110 21.71 -22.00 -21.78
C LYS A 110 21.81 -20.52 -22.13
N SER A 111 21.13 -19.68 -21.35
CA SER A 111 21.12 -18.24 -21.55
C SER A 111 22.44 -17.63 -21.11
N GLN A 112 22.98 -16.74 -21.94
CA GLN A 112 24.26 -16.07 -21.68
C GLN A 112 24.25 -15.25 -20.41
N VAL A 113 23.04 -14.97 -19.90
CA VAL A 113 22.83 -14.21 -18.67
C VAL A 113 22.95 -15.18 -17.52
N PHE A 114 22.50 -16.43 -17.76
CA PHE A 114 22.34 -17.44 -16.71
C PHE A 114 23.08 -18.78 -16.90
N ASP A 115 24.08 -18.84 -17.77
CA ASP A 115 24.78 -20.12 -17.99
C ASP A 115 25.67 -20.56 -16.80
N GLY A 116 25.82 -19.68 -15.82
CA GLY A 116 26.58 -20.02 -14.61
C GLY A 116 28.07 -19.93 -14.77
N SER A 117 28.50 -19.55 -15.98
CA SER A 117 29.89 -19.38 -16.31
C SER A 117 30.40 -18.09 -15.70
N GLU A 118 31.66 -17.76 -16.00
CA GLU A 118 32.30 -16.53 -15.52
C GLU A 118 31.87 -15.26 -16.28
N THR A 119 30.97 -15.42 -17.24
CA THR A 119 30.44 -14.29 -18.02
C THR A 119 28.91 -14.15 -17.87
N SER A 120 28.38 -14.75 -16.80
CA SER A 120 26.96 -14.71 -16.49
C SER A 120 26.74 -13.94 -15.20
N MET A 121 25.46 -13.74 -14.85
CA MET A 121 25.07 -13.22 -13.55
C MET A 121 24.88 -14.40 -12.58
N SER A 122 25.87 -15.28 -12.54
CA SER A 122 25.72 -16.60 -11.93
C SER A 122 24.54 -17.35 -12.58
N GLY A 123 24.37 -18.62 -12.22
CA GLY A 123 23.47 -19.50 -12.96
C GLY A 123 22.37 -20.04 -12.12
N ASN A 124 22.09 -21.33 -12.29
CA ASN A 124 20.98 -21.95 -11.59
C ASN A 124 21.34 -22.14 -10.15
N GLY A 125 20.35 -22.46 -9.34
CA GLY A 125 20.61 -22.81 -7.93
C GLY A 125 20.84 -24.30 -7.77
N GLU A 126 21.38 -24.67 -6.62
CA GLU A 126 21.44 -26.08 -6.23
C GLU A 126 20.06 -26.73 -6.43
N TYR A 127 20.05 -27.90 -7.06
CA TYR A 127 18.80 -28.59 -7.37
C TYR A 127 18.13 -29.10 -6.10
N ILE A 128 16.84 -28.78 -5.95
CA ILE A 128 16.06 -29.31 -4.85
C ILE A 128 14.90 -30.12 -5.44
N PRO A 129 14.80 -31.41 -5.07
CA PRO A 129 13.79 -32.27 -5.67
C PRO A 129 12.41 -32.05 -5.11
N ASN A 130 11.40 -32.49 -5.85
CA ASN A 130 10.08 -32.74 -5.28
C ASN A 130 9.44 -31.48 -4.63
N GLN A 131 9.70 -30.33 -5.24
CA GLN A 131 9.17 -29.04 -4.80
C GLN A 131 7.77 -28.79 -5.32
N GLY A 132 6.95 -28.19 -4.47
CA GLY A 132 5.56 -27.84 -4.83
C GLY A 132 5.50 -26.67 -5.77
N ASP A 133 4.30 -26.37 -6.25
CA ASP A 133 4.18 -25.28 -7.20
C ASP A 133 4.11 -23.93 -6.52
N ILE A 134 4.52 -22.89 -7.25
CA ILE A 134 4.40 -21.50 -6.82
C ILE A 134 2.98 -21.05 -7.13
N LYS A 135 2.29 -20.51 -6.14
CA LYS A 135 0.93 -19.98 -6.33
C LYS A 135 0.89 -18.48 -6.07
N LEU A 136 0.79 -17.68 -7.13
CA LEU A 136 0.70 -16.23 -6.98
C LEU A 136 -0.74 -15.77 -6.98
N LEU A 137 -1.11 -15.12 -5.88
CA LEU A 137 -2.42 -14.48 -5.75
C LEU A 137 -2.18 -13.01 -5.90
N LEU A 138 -2.79 -12.41 -6.91
CA LEU A 138 -2.80 -10.97 -6.98
C LEU A 138 -4.18 -10.46 -6.64
N GLY A 139 -4.26 -9.71 -5.54
CA GLY A 139 -5.52 -9.19 -5.06
C GLY A 139 -6.30 -10.35 -4.50
N ASN A 140 -7.51 -10.56 -5.03
CA ASN A 140 -8.36 -11.67 -4.60
C ASN A 140 -8.95 -12.46 -5.77
N TYR A 141 -8.17 -12.55 -6.86
CA TYR A 141 -8.55 -13.37 -7.99
C TYR A 141 -7.99 -14.77 -7.79
N PRO A 142 -8.36 -15.73 -8.66
CA PRO A 142 -7.72 -17.04 -8.51
C PRO A 142 -6.18 -17.00 -8.74
N ALA A 143 -5.46 -17.73 -7.89
CA ALA A 143 -4.01 -17.87 -7.99
C ALA A 143 -3.52 -18.40 -9.33
N ILE A 144 -2.42 -17.83 -9.80
CA ILE A 144 -1.72 -18.33 -10.97
C ILE A 144 -0.70 -19.40 -10.55
N ASP A 145 -0.72 -20.52 -11.26
CA ASP A 145 0.09 -21.71 -11.00
C ASP A 145 1.34 -21.80 -11.84
N LEU A 146 2.47 -21.87 -11.17
CA LEU A 146 3.74 -21.85 -11.85
C LEU A 146 4.61 -22.99 -11.35
N PRO A 147 5.35 -23.63 -12.27
CA PRO A 147 6.34 -24.65 -11.97
C PRO A 147 7.48 -24.14 -11.08
N PRO A 148 8.01 -24.99 -10.18
CA PRO A 148 9.06 -24.52 -9.27
C PRO A 148 10.44 -24.27 -9.92
N GLY A 149 10.66 -24.74 -11.14
CA GLY A 149 11.95 -24.55 -11.80
C GLY A 149 12.91 -25.69 -11.59
N SER A 150 14.14 -25.51 -12.06
CA SER A 150 15.09 -26.62 -12.03
C SER A 150 16.23 -26.45 -11.02
N GLY A 151 16.07 -25.49 -10.10
CA GLY A 151 17.04 -25.31 -9.01
C GLY A 151 16.35 -25.23 -7.66
N GLY A 152 16.64 -24.16 -6.93
CA GLY A 152 15.92 -23.79 -5.72
C GLY A 152 16.80 -23.34 -4.57
N GLY A 153 18.02 -23.89 -4.52
CA GLY A 153 18.96 -23.58 -3.45
C GLY A 153 19.89 -22.46 -3.85
N CYS A 154 21.01 -22.32 -3.16
CA CYS A 154 21.92 -21.19 -3.39
C CYS A 154 22.62 -21.32 -4.72
N VAL A 155 23.04 -20.20 -5.32
CA VAL A 155 23.70 -20.28 -6.64
C VAL A 155 25.02 -21.02 -6.54
N THR A 156 25.24 -21.93 -7.48
CA THR A 156 26.34 -22.88 -7.41
C THR A 156 27.63 -22.33 -8.00
N SER A 157 27.53 -21.46 -9.01
CA SER A 157 28.72 -21.03 -9.75
C SER A 157 28.67 -19.57 -10.25
N GLY A 158 29.73 -19.10 -10.86
CA GLY A 158 29.71 -17.80 -11.48
C GLY A 158 30.21 -16.72 -10.53
N PRO A 159 30.19 -15.45 -10.97
CA PRO A 159 30.81 -14.37 -10.23
C PRO A 159 30.09 -13.99 -8.94
N PHE A 160 28.83 -14.41 -8.80
CA PHE A 160 28.02 -13.97 -7.66
C PHE A 160 27.74 -15.09 -6.69
N LYS A 161 28.62 -16.09 -6.63
CA LYS A 161 28.35 -17.21 -5.73
C LYS A 161 28.71 -16.87 -4.30
N ASP A 162 29.66 -15.97 -4.12
CA ASP A 162 30.02 -15.54 -2.78
C ASP A 162 29.34 -14.20 -2.42
N TYR A 163 28.31 -13.84 -3.18
CA TYR A 163 27.55 -12.61 -2.96
C TYR A 163 26.47 -12.74 -1.88
N LYS A 164 26.56 -11.86 -0.88
CA LYS A 164 25.65 -11.89 0.26
C LYS A 164 24.46 -10.97 0.05
N LEU A 165 23.27 -11.54 0.11
CA LEU A 165 22.04 -10.78 0.06
C LEU A 165 21.70 -10.42 1.49
N ASN A 166 21.56 -9.12 1.78
CA ASN A 166 21.45 -8.68 3.16
C ASN A 166 20.04 -8.31 3.62
N LEU A 167 19.21 -7.82 2.71
CA LEU A 167 17.89 -7.35 3.10
C LEU A 167 16.84 -8.35 2.72
N GLY A 168 15.61 -8.13 3.14
CA GLY A 168 14.52 -9.06 2.83
C GLY A 168 14.54 -10.26 3.76
N PRO A 169 13.66 -11.24 3.52
CA PRO A 169 12.59 -11.27 2.51
C PRO A 169 11.43 -10.35 2.92
N ALA A 170 10.68 -9.80 1.95
CA ALA A 170 9.54 -8.97 2.34
C ALA A 170 8.21 -9.65 2.07
N ALA A 171 8.08 -10.26 0.89
CA ALA A 171 6.94 -11.11 0.54
C ALA A 171 7.40 -12.13 -0.52
N LEU A 172 8.04 -13.17 -0.02
CA LEU A 172 8.70 -14.13 -0.84
C LEU A 172 7.77 -15.30 -0.97
N SER A 173 7.37 -15.55 -2.21
CA SER A 173 6.55 -16.69 -2.54
C SER A 173 7.41 -17.92 -2.41
N LEU A 174 6.84 -18.99 -1.88
CA LEU A 174 7.59 -20.24 -1.74
C LEU A 174 6.93 -21.37 -2.52
N PRO A 175 7.72 -22.41 -2.86
CA PRO A 175 7.12 -23.65 -3.36
C PRO A 175 6.10 -24.24 -2.37
N GLY A 176 4.90 -24.54 -2.87
CA GLY A 176 3.80 -24.99 -2.04
C GLY A 176 2.73 -23.91 -1.79
N GLY A 177 3.13 -22.64 -1.86
CA GLY A 177 2.16 -21.56 -1.78
C GLY A 177 2.24 -20.72 -0.53
N ASN A 178 3.01 -21.17 0.47
CA ASN A 178 3.24 -20.36 1.67
C ASN A 178 4.07 -19.11 1.27
N MET A 179 4.28 -18.18 2.22
CA MET A 179 4.95 -16.92 1.89
C MET A 179 5.81 -16.39 3.06
N THR A 180 7.09 -16.17 2.83
CA THR A 180 7.93 -15.65 3.91
C THR A 180 7.98 -14.13 3.89
N ALA A 181 7.82 -13.53 5.07
CA ALA A 181 7.84 -12.09 5.26
C ALA A 181 8.52 -11.76 6.58
N ALA A 182 9.61 -11.01 6.55
CA ALA A 182 10.29 -10.58 7.78
C ALA A 182 9.45 -9.54 8.53
N ALA A 183 9.55 -9.53 9.86
CA ALA A 183 8.86 -8.52 10.68
C ALA A 183 9.14 -7.10 10.14
N ASN A 184 10.42 -6.83 9.84
CA ASN A 184 10.78 -5.74 8.91
C ASN A 184 12.02 -5.99 8.02
N PRO A 185 11.80 -5.98 6.70
CA PRO A 185 12.73 -6.50 5.70
C PRO A 185 13.97 -5.63 5.51
N LEU A 186 14.02 -4.51 6.23
CA LEU A 186 15.14 -3.61 6.15
C LEU A 186 16.19 -3.90 7.24
N THR A 187 16.05 -5.00 7.95
CA THR A 187 17.05 -5.40 8.95
C THR A 187 17.97 -6.48 8.38
N TYR A 188 19.09 -6.72 9.07
CA TYR A 188 20.19 -7.52 8.56
C TYR A 188 19.87 -8.99 8.54
N ASN A 189 19.84 -9.57 7.35
CA ASN A 189 19.49 -10.97 7.19
C ASN A 189 20.35 -11.55 6.04
N PRO A 190 21.67 -11.62 6.28
CA PRO A 190 22.64 -12.05 5.26
C PRO A 190 22.46 -13.52 4.88
N ARG A 191 22.46 -13.79 3.58
CA ARG A 191 22.22 -15.13 3.08
C ARG A 191 22.62 -15.13 1.61
N CYS A 192 22.67 -16.31 1.01
CA CYS A 192 23.03 -16.40 -0.41
C CYS A 192 21.81 -16.21 -1.30
N MET A 193 22.08 -15.72 -2.52
CA MET A 193 21.09 -15.59 -3.58
C MET A 193 20.70 -16.99 -4.04
N LYS A 194 19.42 -17.29 -4.02
CA LYS A 194 18.93 -18.57 -4.52
C LYS A 194 18.26 -18.35 -5.86
N ARG A 195 18.38 -19.33 -6.76
CA ARG A 195 17.72 -19.27 -8.07
C ARG A 195 17.19 -20.61 -8.45
N SER A 196 16.02 -20.65 -9.09
CA SER A 196 15.52 -21.88 -9.68
C SER A 196 15.02 -21.62 -11.10
N LEU A 197 15.90 -21.74 -12.07
CA LEU A 197 15.61 -21.35 -13.45
C LEU A 197 14.43 -22.09 -14.05
N THR A 198 13.43 -21.35 -14.52
CA THR A 198 12.18 -21.97 -14.98
C THR A 198 11.84 -21.58 -16.44
N THR A 199 12.40 -22.33 -17.39
CA THR A 199 12.19 -22.08 -18.82
C THR A 199 10.71 -22.03 -19.21
N GLU A 200 9.92 -22.91 -18.62
CA GLU A 200 8.48 -23.03 -18.87
C GLU A 200 7.78 -21.67 -18.67
N ILE A 201 8.09 -20.98 -17.57
CA ILE A 201 7.58 -19.63 -17.30
C ILE A 201 7.83 -18.69 -18.50
N LEU A 202 9.05 -18.70 -19.02
CA LEU A 202 9.36 -17.91 -20.22
C LEU A 202 8.50 -18.30 -21.42
N GLN A 203 8.27 -19.61 -21.61
CA GLN A 203 7.48 -20.13 -22.74
C GLN A 203 6.10 -19.55 -22.74
N ARG A 204 5.56 -19.32 -21.54
CA ARG A 204 4.22 -18.77 -21.38
C ARG A 204 4.12 -17.28 -21.63
N TYR A 205 5.09 -16.51 -21.13
CA TYR A 205 4.89 -15.08 -21.07
C TYR A 205 5.91 -14.18 -21.77
N ASN A 206 7.08 -14.69 -22.13
CA ASN A 206 8.15 -13.85 -22.68
C ASN A 206 8.70 -14.32 -24.02
N THR A 207 7.90 -15.10 -24.77
CA THR A 207 8.35 -15.48 -26.10
C THR A 207 8.34 -14.24 -26.99
N PHE A 208 8.93 -14.35 -28.19
CA PHE A 208 8.90 -13.24 -29.17
C PHE A 208 7.49 -12.84 -29.60
N PRO A 209 6.61 -13.83 -29.88
CA PRO A 209 5.17 -13.49 -30.11
C PRO A 209 4.58 -12.64 -28.99
N LYS A 210 4.82 -13.03 -27.74
CA LYS A 210 4.31 -12.29 -26.58
C LYS A 210 4.81 -10.86 -26.59
N ILE A 211 6.11 -10.68 -26.82
CA ILE A 211 6.75 -9.35 -26.83
C ILE A 211 6.18 -8.46 -27.93
N VAL A 212 6.19 -8.94 -29.16
CA VAL A 212 5.57 -8.23 -30.26
C VAL A 212 4.08 -7.87 -30.01
N GLU A 213 3.28 -8.86 -29.61
CA GLU A 213 1.89 -8.63 -29.21
C GLU A 213 1.81 -7.47 -28.25
N LEU A 214 2.70 -7.46 -27.24
CA LEU A 214 2.73 -6.40 -26.26
C LEU A 214 2.89 -5.04 -26.94
N ILE A 215 3.86 -4.96 -27.84
CA ILE A 215 4.16 -3.69 -28.51
C ILE A 215 3.05 -3.28 -29.47
N LEU A 216 2.66 -4.20 -30.35
CA LEU A 216 1.80 -3.87 -31.47
C LEU A 216 0.32 -3.77 -31.14
N ASP A 217 -0.11 -4.46 -30.09
CA ASP A 217 -1.53 -4.48 -29.76
C ASP A 217 -1.94 -3.56 -28.63
N SER A 218 -0.99 -2.82 -28.07
CA SER A 218 -1.26 -1.87 -26.99
C SER A 218 -1.55 -0.45 -27.50
N ASP A 219 -2.82 -0.05 -27.43
CA ASP A 219 -3.26 1.21 -28.05
C ASP A 219 -2.98 2.39 -27.18
N ASP A 220 -2.97 2.19 -25.88
CA ASP A 220 -2.76 3.29 -25.00
C ASP A 220 -1.86 2.85 -23.83
N ILE A 221 -1.19 3.82 -23.21
CA ILE A 221 -0.28 3.53 -22.11
C ILE A 221 -0.85 2.56 -21.06
N TRP A 222 -2.13 2.76 -20.70
CA TRP A 222 -2.88 1.88 -19.80
C TRP A 222 -2.84 0.42 -20.22
N ASP A 223 -3.30 0.16 -21.43
CA ASP A 223 -3.23 -1.17 -22.03
C ASP A 223 -1.79 -1.68 -22.07
N PHE A 224 -0.85 -0.81 -22.48
CA PHE A 224 0.58 -1.19 -22.53
C PHE A 224 1.11 -1.62 -21.18
N GLN A 225 0.98 -0.74 -20.18
CA GLN A 225 1.58 -1.01 -18.88
C GLN A 225 0.87 -2.12 -18.11
N MET A 226 -0.44 -2.27 -18.30
CA MET A 226 -1.17 -3.37 -17.67
C MET A 226 -0.82 -4.71 -18.33
N THR A 227 -0.82 -4.78 -19.67
CA THR A 227 -0.37 -5.99 -20.34
C THR A 227 1.06 -6.40 -19.98
N MET A 228 1.93 -5.42 -19.76
CA MET A 228 3.30 -5.70 -19.37
C MET A 228 3.40 -6.31 -17.98
N GLN A 229 2.61 -5.78 -17.03
CA GLN A 229 2.73 -6.15 -15.61
C GLN A 229 1.88 -7.33 -15.28
N GLY A 230 0.84 -7.51 -16.06
CA GLY A 230 -0.10 -8.59 -15.82
C GLY A 230 -1.40 -7.98 -15.35
N VAL A 231 -2.41 -8.05 -16.20
CA VAL A 231 -3.75 -7.63 -15.80
C VAL A 231 -4.32 -8.68 -14.84
N PRO A 232 -4.65 -8.26 -13.60
CA PRO A 232 -5.04 -9.20 -12.53
C PRO A 232 -6.38 -9.78 -12.86
N GLY A 233 -6.41 -11.10 -13.05
CA GLY A 233 -7.61 -11.80 -13.48
C GLY A 233 -7.55 -12.47 -14.84
N SER A 234 -6.42 -12.35 -15.55
CA SER A 234 -6.25 -12.99 -16.87
C SER A 234 -5.40 -14.27 -16.81
N GLY A 235 -4.86 -14.58 -15.62
CA GLY A 235 -3.81 -15.59 -15.50
C GLY A 235 -2.54 -15.26 -16.29
N SER A 236 -2.34 -13.99 -16.65
CA SER A 236 -1.06 -13.57 -17.21
C SER A 236 -0.33 -12.72 -16.18
N ILE A 237 1.00 -12.83 -16.19
CA ILE A 237 1.83 -12.02 -15.32
C ILE A 237 2.72 -11.15 -16.19
N GLY A 238 2.45 -11.23 -17.50
CA GLY A 238 3.04 -10.35 -18.54
C GLY A 238 4.51 -10.60 -18.67
N VAL A 239 5.16 -9.85 -19.54
CA VAL A 239 6.59 -10.02 -19.70
C VAL A 239 7.35 -9.68 -18.42
N HIS A 240 6.93 -8.61 -17.72
CA HIS A 240 7.59 -8.16 -16.51
C HIS A 240 7.56 -9.20 -15.38
N GLY A 241 6.44 -9.91 -15.21
CA GLY A 241 6.34 -10.95 -14.20
C GLY A 241 7.08 -12.21 -14.64
N GLY A 242 6.92 -12.56 -15.91
CA GLY A 242 7.60 -13.72 -16.44
C GLY A 242 9.09 -13.62 -16.19
N GLY A 243 9.66 -12.46 -16.44
CA GLY A 243 11.10 -12.25 -16.31
C GLY A 243 11.53 -12.41 -14.89
N HIS A 244 10.71 -11.93 -13.97
CA HIS A 244 11.09 -12.05 -12.57
C HIS A 244 10.97 -13.48 -12.08
N TYR A 245 9.80 -14.08 -12.27
CA TYR A 245 9.53 -15.37 -11.66
C TYR A 245 10.31 -16.47 -12.32
N SER A 246 10.83 -16.22 -13.51
CA SER A 246 11.55 -17.28 -14.22
C SER A 246 12.91 -17.50 -13.60
N MET A 247 13.40 -16.52 -12.85
CA MET A 247 14.62 -16.67 -12.07
C MET A 247 14.39 -17.52 -10.79
N GLY A 248 13.14 -17.65 -10.39
CA GLY A 248 12.76 -18.39 -9.17
C GLY A 248 13.56 -17.89 -8.01
N GLY A 249 13.73 -18.73 -6.98
CA GLY A 249 14.64 -18.45 -5.87
C GLY A 249 14.37 -17.20 -5.04
N ASP A 250 15.42 -16.76 -4.35
CA ASP A 250 15.30 -15.64 -3.42
C ASP A 250 16.43 -14.71 -3.83
N PRO A 251 16.11 -13.45 -4.20
CA PRO A 251 14.81 -12.81 -4.16
C PRO A 251 14.07 -12.76 -5.48
N GLY A 252 14.36 -13.67 -6.42
CA GLY A 252 13.62 -13.74 -7.67
C GLY A 252 12.11 -13.63 -7.50
N ARG A 253 11.57 -14.29 -6.48
CA ARG A 253 10.11 -14.35 -6.24
C ARG A 253 9.58 -13.38 -5.17
N ASP A 254 10.37 -12.35 -4.86
CA ASP A 254 9.97 -11.28 -3.96
C ASP A 254 9.79 -9.97 -4.75
N VAL A 255 8.56 -9.50 -4.88
CA VAL A 255 8.28 -8.22 -5.54
C VAL A 255 9.08 -7.03 -4.97
N TYR A 256 9.38 -7.03 -3.68
CA TYR A 256 10.06 -5.90 -3.05
C TYR A 256 11.59 -5.96 -3.18
N VAL A 257 12.15 -7.15 -2.98
CA VAL A 257 13.58 -7.32 -2.89
C VAL A 257 14.23 -7.68 -4.25
N SER A 258 13.41 -7.78 -5.30
CA SER A 258 13.85 -8.24 -6.63
C SER A 258 15.19 -7.68 -7.18
N PRO A 259 15.50 -6.40 -6.93
CA PRO A 259 16.85 -5.91 -7.24
C PRO A 259 17.98 -6.70 -6.57
N GLY A 260 17.64 -7.55 -5.60
CA GLY A 260 18.62 -8.35 -4.88
C GLY A 260 19.24 -9.41 -5.76
N ASP A 261 18.51 -9.74 -6.82
CA ASP A 261 19.01 -10.58 -7.87
C ASP A 261 19.68 -9.68 -8.89
N THR A 262 20.86 -10.07 -9.31
CA THR A 262 21.69 -9.21 -10.16
C THR A 262 21.19 -9.16 -11.61
N ALA A 263 20.22 -9.99 -11.95
CA ALA A 263 19.70 -10.01 -13.31
C ALA A 263 18.57 -8.99 -13.41
N PHE A 264 18.22 -8.38 -12.28
CA PHE A 264 17.19 -7.34 -12.27
C PHE A 264 17.44 -6.25 -13.31
N TRP A 265 18.65 -5.70 -13.27
CA TRP A 265 19.08 -4.61 -14.15
C TRP A 265 19.04 -4.97 -15.62
N LEU A 266 19.47 -6.17 -15.98
CA LEU A 266 19.37 -6.61 -17.36
C LEU A 266 17.91 -6.85 -17.70
N HIS A 267 17.14 -7.39 -16.77
CA HIS A 267 15.71 -7.56 -17.01
C HIS A 267 15.07 -6.21 -17.32
N HIS A 268 15.30 -5.23 -16.46
CA HIS A 268 14.61 -3.94 -16.61
C HIS A 268 15.17 -3.09 -17.75
N GLY A 269 16.34 -3.45 -18.26
CA GLY A 269 16.88 -2.84 -19.47
C GLY A 269 15.95 -3.18 -20.61
N MET A 270 15.55 -4.44 -20.67
CA MET A 270 14.60 -4.90 -21.66
C MET A 270 13.20 -4.30 -21.51
N ILE A 271 12.75 -4.08 -20.28
CA ILE A 271 11.47 -3.44 -20.01
C ILE A 271 11.52 -2.05 -20.61
N ASP A 272 12.63 -1.38 -20.35
CA ASP A 272 12.78 -0.01 -20.74
C ASP A 272 12.86 0.07 -22.26
N ARG A 273 13.61 -0.87 -22.85
CA ARG A 273 13.67 -1.00 -24.30
C ARG A 273 12.30 -1.21 -24.92
N VAL A 274 11.53 -2.17 -24.41
CA VAL A 274 10.20 -2.41 -24.95
C VAL A 274 9.32 -1.17 -24.86
N TRP A 275 9.35 -0.51 -23.71
CA TRP A 275 8.64 0.76 -23.54
C TRP A 275 9.06 1.81 -24.53
N TRP A 276 10.36 2.07 -24.61
CA TRP A 276 10.94 3.03 -25.56
C TRP A 276 10.49 2.77 -26.99
N ILE A 277 10.67 1.52 -27.45
CA ILE A 277 10.13 1.13 -28.75
C ILE A 277 8.65 1.53 -28.92
N TRP A 278 7.82 1.16 -27.95
CA TRP A 278 6.39 1.38 -28.07
C TRP A 278 6.11 2.85 -28.18
N GLN A 279 6.88 3.63 -27.45
CA GLN A 279 6.66 5.05 -27.39
C GLN A 279 6.91 5.59 -28.77
N ASN A 280 7.91 5.04 -29.47
CA ASN A 280 8.43 5.65 -30.67
C ASN A 280 7.68 5.32 -31.93
N LEU A 281 6.75 4.37 -31.83
CA LEU A 281 5.83 4.07 -32.92
C LEU A 281 4.86 5.26 -33.20
N ASP A 282 4.68 6.11 -32.19
CA ASP A 282 3.82 7.30 -32.24
C ASP A 282 4.16 8.28 -31.14
N LEU A 283 5.27 8.99 -31.31
CA LEU A 283 5.74 9.99 -30.35
C LEU A 283 4.72 11.09 -30.00
N ARG A 284 3.98 11.60 -30.97
CA ARG A 284 3.03 12.68 -30.71
C ARG A 284 2.06 12.31 -29.56
N LYS A 285 1.51 11.09 -29.56
CA LYS A 285 0.56 10.68 -28.52
C LYS A 285 1.20 9.95 -27.34
N ARG A 286 2.33 9.31 -27.56
CA ARG A 286 2.88 8.31 -26.66
C ARG A 286 4.11 8.75 -25.87
N GLN A 287 4.89 9.65 -26.44
CA GLN A 287 6.05 10.20 -25.77
C GLN A 287 5.77 10.53 -24.30
N ASN A 288 4.67 11.24 -24.04
CA ASN A 288 4.40 11.79 -22.71
C ASN A 288 3.18 11.21 -22.03
N ALA A 289 2.63 10.14 -22.59
CA ALA A 289 1.45 9.49 -22.02
C ALA A 289 1.68 8.91 -20.61
N ILE A 290 0.69 9.14 -19.75
CA ILE A 290 0.69 8.62 -18.38
C ILE A 290 -0.72 8.18 -18.03
N SER A 291 -0.85 7.08 -17.30
CA SER A 291 -2.12 6.71 -16.72
C SER A 291 -1.94 5.94 -15.41
N GLY A 292 -2.69 6.34 -14.39
CA GLY A 292 -2.66 5.61 -13.13
C GLY A 292 -2.51 6.56 -11.97
N THR A 293 -2.53 6.03 -10.76
CA THR A 293 -2.35 6.86 -9.58
C THR A 293 -1.02 6.55 -8.93
N GLY A 294 -0.84 7.05 -7.71
CA GLY A 294 0.45 6.95 -7.05
C GLY A 294 0.52 5.76 -6.13
N THR A 295 -0.50 4.90 -6.20
CA THR A 295 -0.61 3.72 -5.33
C THR A 295 -0.89 2.46 -6.12
N PHE A 296 -0.26 1.38 -5.70
CA PHE A 296 -0.38 0.07 -6.28
C PHE A 296 -1.85 -0.31 -6.50
N MET A 297 -2.24 -0.43 -7.78
CA MET A 297 -3.62 -0.78 -8.17
C MET A 297 -4.65 0.23 -7.66
N ASN A 298 -4.17 1.41 -7.29
CA ASN A 298 -4.95 2.48 -6.68
C ASN A 298 -5.61 2.08 -5.34
N ASN A 299 -4.83 1.33 -4.54
CA ASN A 299 -5.25 0.81 -3.25
C ASN A 299 -4.23 1.22 -2.18
N PRO A 300 -4.57 2.17 -1.27
CA PRO A 300 -5.70 3.11 -1.18
C PRO A 300 -5.74 3.98 -2.42
N ALA A 301 -6.86 4.63 -2.68
CA ALA A 301 -6.89 5.59 -3.76
C ALA A 301 -5.93 6.74 -3.44
N SER A 302 -5.29 7.25 -4.49
CA SER A 302 -4.41 8.42 -4.44
C SER A 302 -4.62 9.26 -5.72
N PRO A 303 -4.03 10.48 -5.78
CA PRO A 303 -4.11 11.31 -6.96
C PRO A 303 -3.53 10.64 -8.19
N ASN A 304 -4.17 10.90 -9.34
CA ASN A 304 -3.61 10.59 -10.65
C ASN A 304 -2.24 11.18 -10.81
N THR A 305 -1.32 10.37 -11.32
CA THR A 305 0.02 10.82 -11.62
C THR A 305 -0.04 11.76 -12.81
N THR A 306 0.78 12.81 -12.75
CA THR A 306 0.85 13.77 -13.83
C THR A 306 2.32 14.04 -14.12
N LEU A 307 2.57 14.77 -15.19
CA LEU A 307 3.92 15.25 -15.50
C LEU A 307 4.55 15.99 -14.30
N ASP A 308 3.73 16.61 -13.46
CA ASP A 308 4.26 17.43 -12.37
C ASP A 308 4.66 16.60 -11.13
N THR A 309 4.20 15.34 -11.08
CA THR A 309 4.47 14.39 -9.99
C THR A 309 5.97 14.19 -9.78
N VAL A 310 6.41 14.36 -8.53
CA VAL A 310 7.82 14.24 -8.21
C VAL A 310 8.11 12.87 -7.60
N ILE A 311 9.18 12.24 -8.08
CA ILE A 311 9.62 10.95 -7.55
C ILE A 311 11.12 10.96 -7.21
N ASP A 312 11.50 10.12 -6.26
CA ASP A 312 12.91 10.04 -5.88
C ASP A 312 13.37 8.60 -5.70
N LEU A 313 14.66 8.42 -5.51
CA LEU A 313 15.23 7.11 -5.25
C LEU A 313 15.75 7.02 -3.82
N GLY A 314 15.32 7.96 -2.98
CA GLY A 314 15.81 8.00 -1.60
C GLY A 314 17.33 8.13 -1.59
N TYR A 315 17.96 7.26 -0.82
CA TYR A 315 19.40 7.38 -0.59
C TYR A 315 20.23 6.58 -1.61
N ALA A 316 19.57 6.01 -2.61
CA ALA A 316 20.27 5.18 -3.54
C ALA A 316 21.16 6.00 -4.42
N ASN A 317 20.60 7.01 -5.09
CA ASN A 317 21.38 7.89 -5.92
C ASN A 317 20.47 8.90 -6.48
N GLY A 318 21.00 10.03 -6.91
CA GLY A 318 20.18 11.02 -7.64
C GLY A 318 19.45 11.98 -6.73
N GLY A 319 18.49 12.69 -7.28
CA GLY A 319 17.66 13.57 -6.46
C GLY A 319 16.21 13.46 -6.88
N PRO A 320 15.33 14.26 -6.26
CA PRO A 320 13.95 14.37 -6.70
C PRO A 320 13.90 14.87 -8.12
N ILE A 321 12.96 14.37 -8.90
CA ILE A 321 12.83 14.72 -10.32
C ILE A 321 11.39 14.53 -10.76
N ALA A 322 10.84 15.48 -11.53
CA ALA A 322 9.46 15.38 -12.05
C ALA A 322 9.32 14.38 -13.21
N MET A 323 8.09 13.95 -13.49
CA MET A 323 7.84 12.96 -14.51
C MET A 323 8.10 13.46 -15.92
N ARG A 324 7.83 14.74 -16.17
CA ARG A 324 8.03 15.30 -17.51
C ARG A 324 9.49 15.26 -17.90
N ASP A 325 10.37 15.21 -16.91
CA ASP A 325 11.77 15.06 -17.20
C ASP A 325 12.19 13.64 -17.51
N LEU A 326 11.30 12.66 -17.28
CA LEU A 326 11.61 11.23 -17.49
C LEU A 326 10.99 10.55 -18.73
N MET A 327 10.19 11.27 -19.50
CA MET A 327 9.40 10.61 -20.52
C MET A 327 10.17 10.21 -21.77
N SER A 328 11.39 10.71 -21.93
CA SER A 328 12.17 10.45 -23.16
C SER A 328 13.60 10.02 -22.87
N THR A 329 14.13 9.08 -23.63
CA THR A 329 15.49 8.60 -23.41
C THR A 329 16.52 9.54 -24.03
N THR A 330 16.01 10.63 -24.60
CA THR A 330 16.88 11.60 -25.23
C THR A 330 16.51 12.98 -24.74
N ALA A 331 15.97 13.05 -23.54
CA ALA A 331 15.67 14.36 -22.93
C ALA A 331 15.84 14.22 -21.42
N GLY A 332 15.65 15.33 -20.68
CA GLY A 332 15.85 15.35 -19.21
C GLY A 332 17.28 14.96 -18.87
N PRO A 333 17.47 13.94 -18.01
CA PRO A 333 18.83 13.46 -17.71
C PRO A 333 19.31 12.38 -18.67
N PHE A 334 18.52 12.04 -19.67
CA PHE A 334 18.80 10.87 -20.52
C PHE A 334 19.22 11.25 -21.93
N CYS A 335 20.05 10.41 -22.50
CA CYS A 335 20.57 10.60 -23.82
C CYS A 335 21.12 9.27 -24.25
N TYR A 336 20.23 8.32 -24.49
CA TYR A 336 20.59 6.98 -24.89
C TYR A 336 19.51 6.35 -25.80
N VAL A 337 19.91 5.41 -26.64
CA VAL A 337 18.93 4.60 -27.34
C VAL A 337 19.23 3.14 -27.09
N TYR A 338 18.38 2.26 -27.61
CA TYR A 338 18.61 0.83 -27.60
C TYR A 338 18.93 0.31 -28.98
N LEU A 339 19.99 -0.48 -29.08
CA LEU A 339 20.21 -1.27 -30.27
C LEU A 339 19.70 -2.70 -30.02
N GLY B 2 -10.96 -13.31 34.73
CA GLY B 2 -10.89 -12.45 33.50
C GLY B 2 -12.06 -11.46 33.48
N CYS B 3 -12.87 -11.54 32.43
CA CYS B 3 -14.04 -10.69 32.34
C CYS B 3 -15.19 -11.34 33.11
N THR B 4 -15.74 -10.64 34.09
CA THR B 4 -16.87 -11.18 34.86
C THR B 4 -18.09 -10.27 34.75
N LEU B 5 -19.26 -10.83 35.05
CA LEU B 5 -20.50 -10.08 35.17
C LEU B 5 -20.42 -8.83 36.06
N GLN B 6 -19.41 -8.76 36.92
CA GLN B 6 -19.31 -7.64 37.83
C GLN B 6 -18.59 -6.47 37.21
N ASN B 7 -17.44 -6.74 36.57
CA ASN B 7 -16.63 -5.68 35.97
C ASN B 7 -17.04 -5.37 34.50
N LEU B 8 -18.11 -6.03 34.03
CA LEU B 8 -18.70 -5.85 32.68
C LEU B 8 -19.07 -4.42 32.36
N ARG B 9 -18.78 -3.97 31.16
CA ARG B 9 -19.09 -2.58 30.80
C ARG B 9 -20.08 -2.54 29.65
N VAL B 10 -20.93 -1.53 29.65
CA VAL B 10 -21.93 -1.44 28.59
C VAL B 10 -21.65 -0.29 27.61
N ARG B 11 -21.79 -0.55 26.32
CA ARG B 11 -21.68 0.54 25.40
C ARG B 11 -23.06 0.96 24.93
N ARG B 12 -23.32 2.27 24.95
CA ARG B 12 -24.66 2.78 24.73
C ARG B 12 -24.82 3.76 23.56
N ASP B 13 -26.01 3.75 22.99
CA ASP B 13 -26.40 4.64 21.93
C ASP B 13 -26.26 6.06 22.48
N TRP B 14 -25.69 6.94 21.65
CA TRP B 14 -25.47 8.31 22.05
C TRP B 14 -26.78 8.97 22.44
N ARG B 15 -27.87 8.56 21.79
CA ARG B 15 -29.20 9.10 22.12
C ARG B 15 -29.63 8.77 23.52
N ALA B 16 -29.09 7.69 24.07
CA ALA B 16 -29.41 7.26 25.43
C ALA B 16 -28.50 7.90 26.53
N PHE B 17 -27.70 8.90 26.17
CA PHE B 17 -26.88 9.61 27.13
C PHE B 17 -27.66 10.80 27.59
N SER B 18 -27.67 11.03 28.90
CA SER B 18 -28.27 12.24 29.43
C SER B 18 -27.39 13.46 29.07
N LYS B 19 -27.98 14.64 29.06
CA LYS B 19 -27.23 15.86 28.81
C LYS B 19 -25.89 15.91 29.56
N THR B 20 -25.86 15.47 30.80
CA THR B 20 -24.62 15.46 31.60
C THR B 20 -23.60 14.37 31.16
N GLN B 21 -24.12 13.20 30.82
CA GLN B 21 -23.31 12.14 30.36
C GLN B 21 -22.68 12.47 29.00
N LYS B 22 -23.42 13.17 28.14
CA LYS B 22 -22.89 13.64 26.85
C LYS B 22 -21.73 14.60 27.05
N LYS B 23 -21.91 15.56 27.95
CA LYS B 23 -20.89 16.54 28.30
C LYS B 23 -19.68 15.90 28.95
N ASP B 24 -19.90 14.92 29.82
CA ASP B 24 -18.79 14.25 30.48
C ASP B 24 -17.83 13.62 29.47
N TYR B 25 -18.41 13.06 28.39
CA TYR B 25 -17.63 12.40 27.34
C TYR B 25 -16.88 13.42 26.49
N ILE B 26 -17.61 14.43 26.04
CA ILE B 26 -17.04 15.55 25.31
C ILE B 26 -15.81 16.14 26.03
N ASN B 27 -15.97 16.44 27.32
CA ASN B 27 -14.89 17.05 28.09
C ASN B 27 -13.66 16.17 28.20
N SER B 28 -13.86 14.86 28.15
CA SER B 28 -12.79 13.87 28.20
C SER B 28 -12.00 13.88 26.91
N VAL B 29 -12.73 14.04 25.79
CA VAL B 29 -12.10 14.05 24.49
C VAL B 29 -11.35 15.37 24.33
N LEU B 30 -11.92 16.45 24.85
CA LEU B 30 -11.24 17.73 24.81
C LEU B 30 -9.98 17.71 25.67
N CYS B 31 -10.03 17.01 26.80
CA CYS B 31 -8.86 16.80 27.63
C CYS B 31 -7.71 16.06 26.90
N LEU B 32 -8.03 15.04 26.08
CA LEU B 32 -7.00 14.42 25.22
C LEU B 32 -6.37 15.37 24.17
N GLN B 33 -7.10 16.43 23.84
CA GLN B 33 -6.66 17.40 22.85
C GLN B 33 -5.84 18.51 23.49
N LYS B 34 -5.59 18.38 24.78
CA LYS B 34 -4.75 19.32 25.52
C LYS B 34 -3.45 18.68 26.05
N LEU B 35 -3.54 17.42 26.44
CA LEU B 35 -2.38 16.68 26.92
C LEU B 35 -1.37 16.47 25.79
N PRO B 36 -0.05 16.63 26.09
CA PRO B 36 1.02 16.53 25.10
C PRO B 36 1.18 15.11 24.57
N SER B 37 1.60 14.98 23.32
CA SER B 37 1.76 13.69 22.64
C SER B 37 2.93 12.83 23.16
N ARG B 38 2.92 11.54 22.81
CA ARG B 38 4.01 10.65 23.17
C ARG B 38 4.89 10.35 21.96
N THR B 39 4.28 10.30 20.78
CA THR B 39 5.03 9.96 19.56
C THR B 39 6.28 10.82 19.51
N PRO B 40 7.48 10.19 19.40
CA PRO B 40 8.73 10.98 19.33
C PRO B 40 8.73 11.90 18.11
N ALA B 41 9.09 13.16 18.34
CA ALA B 41 8.87 14.22 17.38
C ALA B 41 9.48 13.97 16.01
N HIS B 42 10.62 13.27 15.95
CA HIS B 42 11.23 12.97 14.65
C HIS B 42 10.41 12.01 13.81
N LEU B 43 9.56 11.21 14.44
CA LEU B 43 8.68 10.25 13.75
C LEU B 43 7.36 10.86 13.25
N ALA B 44 6.71 11.66 14.11
CA ALA B 44 5.58 12.56 13.74
C ALA B 44 5.85 14.01 14.19
N PRO B 45 6.50 14.83 13.34
CA PRO B 45 6.74 16.23 13.73
C PRO B 45 5.46 17.04 14.04
N GLY B 46 4.39 16.81 13.29
CA GLY B 46 3.13 17.52 13.52
C GLY B 46 2.23 17.07 14.66
N ALA B 47 2.62 16.06 15.44
CA ALA B 47 1.78 15.64 16.60
C ALA B 47 2.04 16.56 17.80
N ARG B 48 0.97 17.08 18.39
CA ARG B 48 1.07 17.98 19.52
C ARG B 48 0.45 17.35 20.74
N THR B 49 -0.70 16.71 20.53
CA THR B 49 -1.52 16.22 21.61
C THR B 49 -1.60 14.72 21.65
N ARG B 50 -2.16 14.20 22.73
CA ARG B 50 -2.37 12.76 22.87
C ARG B 50 -3.36 12.28 21.85
N TYR B 51 -4.32 13.13 21.48
CA TYR B 51 -5.28 12.81 20.45
C TYR B 51 -4.54 12.57 19.13
N ASP B 52 -3.69 13.52 18.76
CA ASP B 52 -2.82 13.36 17.62
C ASP B 52 -2.13 11.99 17.58
N ASP B 53 -1.70 11.47 18.72
CA ASP B 53 -1.04 10.16 18.74
C ASP B 53 -1.91 9.12 18.06
N PHE B 54 -3.21 9.16 18.32
CA PHE B 54 -4.16 8.22 17.73
C PHE B 54 -4.31 8.44 16.23
N VAL B 55 -4.46 9.70 15.83
CA VAL B 55 -4.48 10.06 14.42
C VAL B 55 -3.23 9.57 13.70
N ALA B 56 -2.06 9.83 14.27
CA ALA B 56 -0.78 9.50 13.62
C ALA B 56 -0.64 8.02 13.37
N THR B 57 -1.01 7.20 14.35
CA THR B 57 -0.88 5.77 14.14
C THR B 57 -1.82 5.27 13.04
N HIS B 58 -2.99 5.89 12.93
CA HIS B 58 -3.93 5.52 11.90
C HIS B 58 -3.34 5.87 10.52
N ILE B 59 -2.81 7.07 10.40
CA ILE B 59 -2.17 7.50 9.16
C ILE B 59 -1.04 6.53 8.78
N ASN B 60 -0.16 6.26 9.75
CA ASN B 60 0.96 5.35 9.57
C ASN B 60 0.52 3.96 9.10
N GLN B 61 -0.54 3.42 9.68
CA GLN B 61 -0.92 2.02 9.40
C GLN B 61 -2.07 1.78 8.41
N THR B 62 -2.62 2.85 7.82
CA THR B 62 -3.79 2.77 6.94
C THR B 62 -3.69 1.67 5.89
N GLN B 63 -2.55 1.66 5.22
CA GLN B 63 -2.24 0.65 4.19
C GLN B 63 -2.43 -0.81 4.65
N ILE B 64 -2.49 -1.06 5.96
CA ILE B 64 -2.50 -2.43 6.51
C ILE B 64 -3.65 -2.75 7.50
N ILE B 65 -4.70 -1.93 7.46
CA ILE B 65 -5.82 -2.05 8.39
C ILE B 65 -7.17 -1.81 7.73
N HIS B 66 -7.19 -1.57 6.43
CA HIS B 66 -8.46 -1.45 5.70
C HIS B 66 -8.39 -2.50 4.59
N TYR B 67 -9.50 -3.23 4.36
CA TYR B 67 -9.49 -4.37 3.43
C TYR B 67 -8.43 -5.44 3.71
N THR B 68 -8.12 -5.64 4.99
CA THR B 68 -7.24 -6.71 5.43
C THR B 68 -8.00 -7.65 6.34
N GLY B 69 -7.32 -8.70 6.82
CA GLY B 69 -7.91 -9.58 7.83
C GLY B 69 -8.01 -8.94 9.21
N THR B 70 -7.25 -7.86 9.41
CA THR B 70 -7.16 -7.22 10.72
C THR B 70 -8.08 -6.01 10.83
N PHE B 71 -8.77 -5.66 9.74
CA PHE B 71 -9.57 -4.45 9.75
C PHE B 71 -10.47 -4.35 10.99
N LEU B 72 -11.32 -5.36 11.22
CA LEU B 72 -12.26 -5.32 12.35
C LEU B 72 -11.54 -5.42 13.67
N ALA B 73 -10.65 -6.40 13.82
CA ALA B 73 -9.98 -6.58 15.11
C ALA B 73 -9.10 -5.39 15.50
N TRP B 74 -8.42 -4.80 14.52
CA TRP B 74 -7.56 -3.66 14.78
C TRP B 74 -8.41 -2.48 15.22
N HIS B 75 -9.53 -2.25 14.55
CA HIS B 75 -10.36 -1.12 14.98
C HIS B 75 -11.00 -1.29 16.36
N ARG B 76 -11.39 -2.52 16.69
CA ARG B 76 -11.95 -2.82 17.99
C ARG B 76 -10.90 -2.52 19.05
N TYR B 77 -9.65 -2.83 18.74
CA TYR B 77 -8.57 -2.56 19.69
C TYR B 77 -8.31 -1.09 19.75
N PHE B 78 -8.16 -0.50 18.56
CA PHE B 78 -7.92 0.91 18.47
C PHE B 78 -8.92 1.66 19.36
N ILE B 79 -10.21 1.38 19.26
CA ILE B 79 -11.19 2.19 19.98
C ILE B 79 -11.26 1.85 21.46
N TYR B 80 -10.90 0.62 21.80
CA TYR B 80 -10.72 0.27 23.21
C TYR B 80 -9.60 1.10 23.82
N GLU B 81 -8.40 1.03 23.24
CA GLU B 81 -7.27 1.82 23.70
C GLU B 81 -7.50 3.33 23.73
N PHE B 82 -8.36 3.83 22.85
CA PHE B 82 -8.77 5.24 22.92
C PHE B 82 -9.65 5.47 24.16
N GLU B 83 -10.48 4.48 24.51
CA GLU B 83 -11.37 4.55 25.67
C GLU B 83 -10.52 4.48 26.91
N GLN B 84 -9.41 3.75 26.80
CA GLN B 84 -8.51 3.60 27.93
C GLN B 84 -7.77 4.91 28.19
N ALA B 85 -7.43 5.62 27.11
CA ALA B 85 -6.77 6.91 27.27
C ALA B 85 -7.69 7.84 27.99
N LEU B 86 -8.99 7.79 27.65
CA LEU B 86 -10.04 8.58 28.29
C LEU B 86 -10.20 8.26 29.80
N ARG B 87 -10.17 6.98 30.14
CA ARG B 87 -10.28 6.63 31.54
C ARG B 87 -9.02 6.97 32.30
N ASP B 88 -7.86 6.59 31.76
CA ASP B 88 -6.62 6.69 32.52
C ASP B 88 -6.04 8.07 32.61
N GLU B 89 -6.23 8.87 31.56
CA GLU B 89 -5.61 10.17 31.49
C GLU B 89 -6.59 11.35 31.68
N CYS B 90 -7.88 11.10 31.48
CA CYS B 90 -8.86 12.19 31.47
C CYS B 90 -10.01 12.01 32.48
N SER B 91 -9.89 10.98 33.32
CA SER B 91 -10.81 10.75 34.42
C SER B 91 -12.24 10.42 34.01
N TYR B 92 -12.40 9.88 32.80
CA TYR B 92 -13.73 9.59 32.27
C TYR B 92 -14.19 8.36 32.97
N THR B 93 -15.43 8.34 33.46
CA THR B 93 -15.93 7.13 34.12
C THR B 93 -17.24 6.64 33.53
N GLY B 94 -17.73 7.35 32.51
CA GLY B 94 -18.99 7.03 31.83
C GLY B 94 -18.80 5.93 30.80
N ASP B 95 -19.81 5.72 29.96
CA ASP B 95 -19.79 4.59 29.02
C ASP B 95 -19.22 4.97 27.63
N TYR B 96 -18.77 3.98 26.86
CA TYR B 96 -18.51 4.24 25.45
C TYR B 96 -19.81 4.48 24.63
N PRO B 97 -19.85 5.58 23.85
CA PRO B 97 -21.04 5.89 23.03
C PRO B 97 -20.90 5.41 21.58
N TYR B 98 -21.97 4.94 20.97
CA TYR B 98 -21.90 4.66 19.54
C TYR B 98 -22.97 5.48 18.79
N TRP B 99 -22.78 5.66 17.49
CA TRP B 99 -23.70 6.44 16.67
C TRP B 99 -24.57 5.50 15.84
N ASN B 100 -25.87 5.49 16.09
CA ASN B 100 -26.74 4.60 15.33
C ASN B 100 -27.10 5.28 14.01
N TRP B 101 -26.47 4.87 12.92
CA TRP B 101 -26.65 5.56 11.66
C TRP B 101 -28.11 5.62 11.24
N GLY B 102 -28.80 4.51 11.43
CA GLY B 102 -30.17 4.38 10.97
C GLY B 102 -31.10 5.49 11.44
N ALA B 103 -30.96 5.87 12.70
CA ALA B 103 -31.88 6.79 13.33
C ALA B 103 -31.74 8.22 12.82
N ASP B 104 -30.71 8.47 12.01
CA ASP B 104 -30.43 9.81 11.48
C ASP B 104 -30.42 9.83 9.96
N ALA B 105 -30.92 8.77 9.32
CA ALA B 105 -30.80 8.63 7.88
C ALA B 105 -31.89 9.34 7.04
N ASP B 106 -32.83 10.03 7.68
CA ASP B 106 -33.74 10.85 6.90
C ASP B 106 -33.39 12.34 6.98
N ASN B 107 -32.54 12.70 7.95
CA ASN B 107 -32.18 14.08 8.22
C ASN B 107 -31.01 14.12 9.20
N MET B 108 -29.80 14.17 8.64
CA MET B 108 -28.58 14.08 9.43
C MET B 108 -28.29 15.35 10.22
N GLU B 109 -28.83 16.48 9.76
CA GLU B 109 -28.53 17.74 10.42
C GLU B 109 -29.18 17.76 11.80
N LYS B 110 -30.33 17.12 11.91
CA LYS B 110 -31.03 16.95 13.18
C LYS B 110 -30.49 15.82 14.07
N SER B 111 -29.37 15.24 13.68
CA SER B 111 -28.79 14.12 14.40
C SER B 111 -28.28 14.61 15.74
N GLN B 112 -28.52 13.84 16.79
CA GLN B 112 -28.01 14.24 18.11
C GLN B 112 -26.50 14.32 18.19
N VAL B 113 -25.81 13.73 17.19
CA VAL B 113 -24.35 13.72 17.13
C VAL B 113 -23.81 14.98 16.46
N PHE B 114 -24.61 15.52 15.53
CA PHE B 114 -24.14 16.50 14.58
C PHE B 114 -25.00 17.73 14.60
N ASP B 115 -25.82 17.90 15.62
CA ASP B 115 -26.81 18.99 15.61
C ASP B 115 -26.19 20.36 15.87
N GLY B 116 -24.90 20.40 16.21
CA GLY B 116 -24.22 21.67 16.38
C GLY B 116 -24.29 22.19 17.80
N SER B 117 -25.08 21.51 18.63
CA SER B 117 -25.28 21.95 19.99
C SER B 117 -24.06 21.70 20.86
N GLU B 118 -24.18 22.06 22.13
CA GLU B 118 -23.12 21.84 23.12
C GLU B 118 -23.02 20.37 23.53
N THR B 119 -23.96 19.56 23.06
CA THR B 119 -23.99 18.14 23.39
C THR B 119 -23.67 17.27 22.16
N SER B 120 -23.13 17.89 21.12
CA SER B 120 -22.82 17.20 19.87
C SER B 120 -21.32 17.17 19.60
N MET B 121 -20.92 16.46 18.56
CA MET B 121 -19.55 16.46 18.10
C MET B 121 -19.26 17.64 17.13
N SER B 122 -19.81 18.81 17.46
CA SER B 122 -19.89 19.96 16.56
C SER B 122 -20.87 19.57 15.46
N GLY B 123 -21.32 20.55 14.67
CA GLY B 123 -22.28 20.25 13.58
C GLY B 123 -21.76 20.32 12.15
N ASN B 124 -22.50 21.02 11.29
CA ASN B 124 -22.17 21.15 9.90
C ASN B 124 -21.09 22.18 9.70
N GLY B 125 -20.52 22.24 8.49
CA GLY B 125 -19.47 23.21 8.19
C GLY B 125 -20.11 24.41 7.57
N GLU B 126 -19.37 25.52 7.49
CA GLU B 126 -19.84 26.76 6.81
C GLU B 126 -20.33 26.35 5.45
N TYR B 127 -21.48 26.89 5.05
CA TYR B 127 -22.10 26.51 3.79
C TYR B 127 -21.27 26.99 2.60
N ILE B 128 -21.04 26.11 1.63
CA ILE B 128 -20.31 26.47 0.42
C ILE B 128 -21.10 26.07 -0.83
N PRO B 129 -21.72 27.06 -1.50
CA PRO B 129 -22.61 26.73 -2.61
C PRO B 129 -21.84 26.27 -3.85
N ASN B 130 -22.52 25.50 -4.69
CA ASN B 130 -22.04 25.12 -6.05
C ASN B 130 -20.84 24.16 -6.12
N GLN B 131 -20.62 23.44 -5.02
CA GLN B 131 -19.58 22.42 -4.96
C GLN B 131 -19.96 21.30 -5.88
N GLY B 132 -18.98 20.80 -6.64
CA GLY B 132 -19.19 19.65 -7.52
C GLY B 132 -19.35 18.35 -6.76
N ASP B 133 -19.61 17.27 -7.48
CA ASP B 133 -19.78 15.97 -6.83
C ASP B 133 -18.46 15.33 -6.37
N ILE B 134 -18.53 14.61 -5.25
CA ILE B 134 -17.46 13.76 -4.74
C ILE B 134 -17.36 12.48 -5.56
N LYS B 135 -16.20 12.22 -6.14
CA LYS B 135 -16.02 11.05 -7.00
C LYS B 135 -14.99 10.15 -6.36
N LEU B 136 -15.47 9.02 -5.81
CA LEU B 136 -14.58 8.04 -5.19
C LEU B 136 -14.22 6.95 -6.19
N LEU B 137 -12.92 6.84 -6.48
CA LEU B 137 -12.39 5.77 -7.32
C LEU B 137 -11.85 4.71 -6.39
N LEU B 138 -12.60 3.64 -6.18
CA LEU B 138 -12.08 2.51 -5.44
C LEU B 138 -11.32 1.56 -6.37
N GLY B 139 -9.99 1.60 -6.29
CA GLY B 139 -9.18 0.74 -7.15
C GLY B 139 -9.30 1.22 -8.56
N ASN B 140 -9.61 0.33 -9.49
CA ASN B 140 -9.70 0.72 -10.91
C ASN B 140 -11.09 0.54 -11.55
N TYR B 141 -12.14 0.71 -10.74
CA TYR B 141 -13.53 0.53 -11.18
C TYR B 141 -14.18 1.89 -11.47
N PRO B 142 -15.34 1.92 -12.18
CA PRO B 142 -15.97 3.23 -12.47
C PRO B 142 -16.29 4.01 -11.21
N ALA B 143 -16.13 5.34 -11.25
CA ALA B 143 -16.30 6.21 -10.07
C ALA B 143 -17.68 6.16 -9.43
N ILE B 144 -17.72 6.23 -8.10
CA ILE B 144 -18.97 6.39 -7.39
C ILE B 144 -19.21 7.87 -7.13
N ASP B 145 -20.27 8.42 -7.72
CA ASP B 145 -20.69 9.80 -7.48
C ASP B 145 -21.38 9.93 -6.14
N LEU B 146 -21.04 10.99 -5.40
CA LEU B 146 -21.73 11.32 -4.17
C LEU B 146 -21.98 12.81 -4.11
N PRO B 147 -23.16 13.23 -3.61
CA PRO B 147 -23.50 14.65 -3.50
C PRO B 147 -22.55 15.39 -2.56
N PRO B 148 -22.43 16.70 -2.74
CA PRO B 148 -21.42 17.43 -1.97
C PRO B 148 -21.81 17.80 -0.52
N GLY B 149 -23.10 17.64 -0.19
CA GLY B 149 -23.60 17.91 1.16
C GLY B 149 -23.94 19.37 1.42
N SER B 150 -24.42 19.66 2.61
CA SER B 150 -24.94 20.98 2.92
C SER B 150 -23.99 21.86 3.77
N GLY B 151 -22.68 21.59 3.70
CA GLY B 151 -21.68 22.34 4.45
C GLY B 151 -20.50 22.71 3.58
N GLY B 152 -19.30 22.36 4.04
CA GLY B 152 -18.09 22.55 3.24
C GLY B 152 -16.96 23.26 3.97
N GLY B 153 -17.31 24.27 4.75
CA GLY B 153 -16.33 25.09 5.45
C GLY B 153 -15.98 24.54 6.82
N CYS B 154 -15.25 25.33 7.62
CA CYS B 154 -14.93 24.94 9.00
C CYS B 154 -16.20 24.86 9.84
N VAL B 155 -16.27 23.89 10.76
CA VAL B 155 -17.42 23.77 11.68
C VAL B 155 -17.74 25.10 12.37
N THR B 156 -19.03 25.40 12.50
CA THR B 156 -19.47 26.72 12.90
C THR B 156 -19.89 26.81 14.36
N SER B 157 -20.13 25.65 14.98
CA SER B 157 -20.67 25.61 16.35
C SER B 157 -20.20 24.44 17.23
N GLY B 158 -20.43 24.54 18.53
CA GLY B 158 -20.18 23.41 19.40
C GLY B 158 -18.76 23.18 19.85
N PRO B 159 -18.56 22.17 20.70
CA PRO B 159 -17.33 21.94 21.48
C PRO B 159 -16.05 21.99 20.66
N PHE B 160 -16.14 21.64 19.39
CA PHE B 160 -14.95 21.44 18.61
C PHE B 160 -14.81 22.49 17.54
N LYS B 161 -15.44 23.65 17.74
CA LYS B 161 -15.32 24.72 16.76
C LYS B 161 -13.89 25.27 16.72
N ASP B 162 -13.25 25.36 17.88
CA ASP B 162 -11.89 25.86 17.98
C ASP B 162 -10.91 24.70 18.10
N TYR B 163 -11.30 23.53 17.60
CA TYR B 163 -10.41 22.39 17.65
C TYR B 163 -9.45 22.46 16.45
N LYS B 164 -8.16 22.37 16.74
CA LYS B 164 -7.13 22.37 15.69
C LYS B 164 -6.74 20.94 15.32
N LEU B 165 -6.95 20.65 14.05
CA LEU B 165 -6.53 19.42 13.42
C LEU B 165 -5.11 19.66 12.94
N ASN B 166 -4.19 18.78 13.32
CA ASN B 166 -2.75 19.03 13.10
C ASN B 166 -2.07 18.19 12.02
N LEU B 167 -2.53 16.97 11.81
CA LEU B 167 -1.89 16.09 10.82
C LEU B 167 -2.65 16.09 9.50
N GLY B 168 -2.05 15.51 8.46
CA GLY B 168 -2.73 15.40 7.18
C GLY B 168 -2.71 16.70 6.41
N PRO B 169 -3.42 16.75 5.26
CA PRO B 169 -4.19 15.70 4.59
C PRO B 169 -3.30 14.58 4.06
N ALA B 170 -3.87 13.42 3.79
CA ALA B 170 -3.07 12.29 3.33
C ALA B 170 -3.55 11.84 1.96
N ALA B 171 -4.86 11.90 1.77
CA ALA B 171 -5.54 11.58 0.52
C ALA B 171 -6.97 12.07 0.72
N LEU B 172 -7.08 13.40 0.65
CA LEU B 172 -8.32 14.07 0.90
C LEU B 172 -9.05 14.26 -0.41
N SER B 173 -10.18 13.58 -0.56
CA SER B 173 -11.07 13.77 -1.70
C SER B 173 -11.81 15.08 -1.63
N LEU B 174 -11.83 15.81 -2.74
CA LEU B 174 -12.50 17.09 -2.76
C LEU B 174 -13.72 17.04 -3.66
N PRO B 175 -14.65 17.99 -3.50
CA PRO B 175 -15.68 18.25 -4.53
C PRO B 175 -15.04 18.57 -5.88
N GLY B 176 -15.62 18.04 -6.96
CA GLY B 176 -15.03 18.12 -8.29
C GLY B 176 -14.20 16.89 -8.70
N GLY B 177 -13.55 16.24 -7.74
CA GLY B 177 -12.98 14.92 -7.97
C GLY B 177 -11.47 14.94 -7.84
N ASN B 178 -10.93 16.12 -7.53
CA ASN B 178 -9.52 16.26 -7.19
C ASN B 178 -9.25 15.70 -5.80
N MET B 179 -7.96 15.53 -5.50
CA MET B 179 -7.52 14.92 -4.28
C MET B 179 -6.23 15.60 -3.79
N THR B 180 -6.24 16.12 -2.57
CA THR B 180 -5.06 16.73 -2.00
C THR B 180 -4.29 15.70 -1.19
N ALA B 181 -2.98 15.64 -1.40
CA ALA B 181 -2.11 14.75 -0.66
C ALA B 181 -0.87 15.49 -0.23
N ALA B 182 -0.67 15.62 1.08
CA ALA B 182 0.56 16.24 1.58
C ALA B 182 1.77 15.39 1.21
N ALA B 183 2.90 16.05 0.92
CA ALA B 183 4.14 15.33 0.56
C ALA B 183 4.52 14.33 1.64
N ASN B 184 4.41 14.72 2.90
CA ASN B 184 4.24 13.71 3.93
C ASN B 184 3.42 14.22 5.10
N PRO B 185 2.33 13.50 5.43
CA PRO B 185 1.22 14.00 6.26
C PRO B 185 1.43 13.99 7.80
N LEU B 186 2.54 13.42 8.28
CA LEU B 186 2.86 13.40 9.70
C LEU B 186 3.57 14.69 10.12
N THR B 187 3.61 15.67 9.23
CA THR B 187 4.17 16.96 9.56
C THR B 187 3.09 17.98 9.92
N TYR B 188 3.50 19.07 10.57
CA TYR B 188 2.60 20.04 11.23
C TYR B 188 1.79 20.87 10.25
N ASN B 189 0.50 20.61 10.19
CA ASN B 189 -0.38 21.35 9.29
C ASN B 189 -1.71 21.77 9.96
N PRO B 190 -1.64 22.64 11.02
CA PRO B 190 -2.79 23.03 11.82
C PRO B 190 -3.86 23.66 10.96
N ARG B 191 -5.11 23.31 11.24
CA ARG B 191 -6.23 23.86 10.49
C ARG B 191 -7.49 23.34 11.18
N CYS B 192 -8.62 24.02 10.95
CA CYS B 192 -9.89 23.62 11.54
C CYS B 192 -10.49 22.42 10.82
N MET B 193 -11.40 21.75 11.52
CA MET B 193 -12.14 20.61 11.02
C MET B 193 -13.26 21.09 10.12
N LYS B 194 -13.33 20.57 8.91
CA LYS B 194 -14.41 20.96 8.01
C LYS B 194 -15.44 19.88 7.97
N ARG B 195 -16.71 20.24 7.85
CA ARG B 195 -17.76 19.25 7.65
C ARG B 195 -18.74 19.63 6.56
N SER B 196 -19.39 18.65 5.97
CA SER B 196 -20.43 18.93 5.00
C SER B 196 -21.38 17.81 5.07
N LEU B 197 -22.34 17.94 5.98
CA LEU B 197 -23.21 16.85 6.35
C LEU B 197 -24.08 16.46 5.16
N THR B 198 -23.99 15.21 4.73
CA THR B 198 -24.73 14.74 3.56
C THR B 198 -25.77 13.63 3.89
N THR B 199 -26.98 14.01 4.26
CA THR B 199 -28.01 13.01 4.55
C THR B 199 -28.17 11.97 3.42
N GLU B 200 -28.08 12.43 2.18
CA GLU B 200 -28.37 11.58 1.03
C GLU B 200 -27.51 10.32 1.05
N ILE B 201 -26.24 10.46 1.43
CA ILE B 201 -25.32 9.30 1.55
C ILE B 201 -25.84 8.28 2.58
N LEU B 202 -26.27 8.78 3.75
CA LEU B 202 -26.92 7.89 4.71
C LEU B 202 -28.15 7.16 4.09
N GLN B 203 -29.06 7.92 3.48
CA GLN B 203 -30.18 7.37 2.70
C GLN B 203 -29.78 6.21 1.78
N ARG B 204 -28.64 6.30 1.12
CA ARG B 204 -28.19 5.23 0.23
C ARG B 204 -27.54 4.03 0.92
N TYR B 205 -26.84 4.27 2.03
CA TYR B 205 -25.90 3.29 2.55
C TYR B 205 -26.04 2.87 4.01
N ASN B 206 -26.61 3.74 4.84
CA ASN B 206 -26.74 3.47 6.28
C ASN B 206 -28.16 3.51 6.82
N THR B 207 -29.14 3.01 6.06
CA THR B 207 -30.51 2.90 6.57
C THR B 207 -30.69 1.63 7.39
N PHE B 208 -31.81 1.51 8.09
CA PHE B 208 -32.04 0.31 8.91
C PHE B 208 -32.10 -0.91 8.05
N PRO B 209 -32.81 -0.86 6.87
CA PRO B 209 -32.71 -1.99 5.92
C PRO B 209 -31.24 -2.37 5.59
N LYS B 210 -30.44 -1.37 5.21
CA LYS B 210 -29.01 -1.61 4.93
C LYS B 210 -28.23 -2.29 6.06
N ILE B 211 -28.52 -1.93 7.30
CA ILE B 211 -27.75 -2.45 8.44
C ILE B 211 -28.20 -3.88 8.75
N VAL B 212 -29.51 -4.10 8.70
CA VAL B 212 -30.06 -5.43 8.85
C VAL B 212 -29.63 -6.40 7.73
N GLU B 213 -29.55 -5.90 6.50
CA GLU B 213 -29.08 -6.71 5.36
C GLU B 213 -27.66 -7.17 5.61
N LEU B 214 -26.85 -6.25 6.14
CA LEU B 214 -25.44 -6.51 6.40
C LEU B 214 -25.27 -7.68 7.38
N ILE B 215 -25.97 -7.64 8.48
CA ILE B 215 -25.92 -8.68 9.52
C ILE B 215 -26.53 -10.01 9.06
N LEU B 216 -27.78 -9.98 8.60
CA LEU B 216 -28.50 -11.23 8.28
C LEU B 216 -28.10 -11.93 6.98
N ASP B 217 -27.66 -11.15 5.99
CA ASP B 217 -27.36 -11.71 4.67
C ASP B 217 -25.88 -12.05 4.46
N SER B 218 -25.06 -11.84 5.49
CA SER B 218 -23.64 -12.17 5.39
C SER B 218 -23.35 -13.50 6.09
N ASP B 219 -23.03 -14.49 5.26
CA ASP B 219 -22.97 -15.89 5.62
C ASP B 219 -21.61 -16.26 6.22
N ASP B 220 -20.59 -15.48 5.89
CA ASP B 220 -19.20 -15.74 6.33
C ASP B 220 -18.45 -14.42 6.50
N ILE B 221 -17.30 -14.45 7.18
CA ILE B 221 -16.61 -13.20 7.56
C ILE B 221 -16.18 -12.37 6.36
N TRP B 222 -15.74 -13.06 5.31
CA TRP B 222 -15.43 -12.39 4.04
C TRP B 222 -16.62 -11.57 3.54
N ASP B 223 -17.75 -12.24 3.32
CA ASP B 223 -18.94 -11.52 2.88
C ASP B 223 -19.25 -10.33 3.78
N PHE B 224 -19.08 -10.51 5.09
CA PHE B 224 -19.47 -9.52 6.06
C PHE B 224 -18.56 -8.31 6.00
N GLN B 225 -17.27 -8.53 6.17
CA GLN B 225 -16.32 -7.41 6.14
C GLN B 225 -16.28 -6.69 4.78
N MET B 226 -16.50 -7.40 3.68
CA MET B 226 -16.54 -6.72 2.40
C MET B 226 -17.78 -5.84 2.28
N THR B 227 -18.96 -6.41 2.57
CA THR B 227 -20.22 -5.69 2.46
C THR B 227 -20.17 -4.39 3.28
N MET B 228 -19.70 -4.51 4.53
CA MET B 228 -19.47 -3.38 5.45
C MET B 228 -18.56 -2.25 4.94
N GLN B 229 -17.48 -2.60 4.24
CA GLN B 229 -16.50 -1.63 3.76
C GLN B 229 -16.83 -1.08 2.36
N GLY B 230 -17.50 -1.90 1.55
CA GLY B 230 -17.76 -1.59 0.16
C GLY B 230 -17.08 -2.62 -0.73
N VAL B 231 -17.87 -3.54 -1.29
CA VAL B 231 -17.34 -4.50 -2.27
C VAL B 231 -17.04 -3.80 -3.59
N PRO B 232 -15.77 -3.85 -4.03
CA PRO B 232 -15.25 -3.04 -5.15
C PRO B 232 -15.86 -3.38 -6.50
N GLY B 233 -16.60 -2.43 -7.07
CA GLY B 233 -17.24 -2.65 -8.37
C GLY B 233 -18.74 -2.65 -8.21
N SER B 234 -19.19 -2.78 -6.97
CA SER B 234 -20.61 -2.87 -6.67
C SER B 234 -21.32 -1.53 -6.66
N GLY B 235 -20.58 -0.43 -6.61
CA GLY B 235 -21.19 0.89 -6.52
C GLY B 235 -21.78 1.13 -5.13
N SER B 236 -21.27 0.38 -4.16
CA SER B 236 -21.65 0.54 -2.78
C SER B 236 -20.39 0.82 -2.00
N ILE B 237 -20.51 1.64 -0.96
CA ILE B 237 -19.38 1.96 -0.10
C ILE B 237 -19.55 1.38 1.32
N GLY B 238 -20.57 0.56 1.50
CA GLY B 238 -20.88 -0.03 2.79
C GLY B 238 -21.39 1.00 3.79
N VAL B 239 -21.88 0.51 4.91
CA VAL B 239 -22.12 1.32 6.07
C VAL B 239 -20.81 2.01 6.48
N HIS B 240 -19.69 1.29 6.38
CA HIS B 240 -18.43 1.86 6.81
C HIS B 240 -18.07 3.14 6.06
N GLY B 241 -18.06 3.06 4.75
CA GLY B 241 -17.80 4.22 3.93
C GLY B 241 -18.92 5.22 4.06
N GLY B 242 -20.14 4.74 4.23
CA GLY B 242 -21.30 5.60 4.38
C GLY B 242 -21.18 6.53 5.57
N GLY B 243 -20.86 5.96 6.74
CA GLY B 243 -20.64 6.73 7.95
C GLY B 243 -19.62 7.84 7.75
N HIS B 244 -18.45 7.53 7.19
CA HIS B 244 -17.36 8.51 7.02
C HIS B 244 -17.71 9.62 6.04
N TYR B 245 -18.17 9.23 4.86
CA TYR B 245 -18.36 10.17 3.75
C TYR B 245 -19.53 11.11 3.92
N SER B 246 -20.46 10.71 4.78
CA SER B 246 -21.65 11.49 5.07
C SER B 246 -21.28 12.67 5.96
N MET B 247 -20.14 12.60 6.63
CA MET B 247 -19.63 13.75 7.38
C MET B 247 -19.12 14.90 6.48
N GLY B 248 -18.71 14.54 5.25
CA GLY B 248 -17.98 15.42 4.33
C GLY B 248 -16.75 16.05 4.96
N GLY B 249 -16.31 17.18 4.43
CA GLY B 249 -15.22 17.96 4.99
C GLY B 249 -13.86 17.30 5.10
N ASP B 250 -13.02 17.88 5.95
CA ASP B 250 -11.64 17.48 6.20
C ASP B 250 -11.67 17.19 7.69
N PRO B 251 -11.27 15.99 8.11
CA PRO B 251 -10.78 14.87 7.34
C PRO B 251 -11.82 13.81 7.10
N GLY B 252 -13.09 14.15 7.26
CA GLY B 252 -14.14 13.20 7.00
C GLY B 252 -13.96 12.44 5.69
N ARG B 253 -13.27 13.06 4.72
CA ARG B 253 -13.16 12.50 3.36
C ARG B 253 -11.75 11.96 3.04
N ASP B 254 -10.95 11.78 4.09
CA ASP B 254 -9.61 11.29 3.95
C ASP B 254 -9.54 9.99 4.72
N VAL B 255 -9.35 8.89 4.01
CA VAL B 255 -9.35 7.56 4.64
C VAL B 255 -8.26 7.42 5.73
N TYR B 256 -7.12 8.09 5.54
CA TYR B 256 -6.02 8.03 6.49
C TYR B 256 -6.30 8.81 7.77
N VAL B 257 -6.81 10.03 7.62
CA VAL B 257 -6.91 10.98 8.73
C VAL B 257 -8.28 10.95 9.49
N SER B 258 -9.15 10.02 9.08
CA SER B 258 -10.54 10.05 9.53
C SER B 258 -10.73 10.15 11.05
N PRO B 259 -9.82 9.57 11.88
CA PRO B 259 -9.88 9.78 13.34
C PRO B 259 -9.75 11.21 13.76
N GLY B 260 -9.36 12.08 12.83
CA GLY B 260 -9.22 13.52 13.10
C GLY B 260 -10.57 14.17 13.32
N ASP B 261 -11.60 13.57 12.72
CA ASP B 261 -12.99 13.96 12.96
C ASP B 261 -13.50 13.28 14.21
N THR B 262 -13.88 14.08 15.20
CA THR B 262 -14.29 13.56 16.51
C THR B 262 -15.49 12.59 16.50
N ALA B 263 -16.24 12.54 15.40
CA ALA B 263 -17.31 11.57 15.24
C ALA B 263 -16.81 10.15 14.93
N PHE B 264 -15.54 10.04 14.51
CA PHE B 264 -14.91 8.75 14.15
C PHE B 264 -15.17 7.68 15.21
N TRP B 265 -15.03 8.05 16.49
CA TRP B 265 -15.08 7.10 17.58
C TRP B 265 -16.48 6.56 17.74
N LEU B 266 -17.50 7.42 17.68
CA LEU B 266 -18.92 6.99 17.68
C LEU B 266 -19.26 6.13 16.45
N HIS B 267 -18.81 6.54 15.28
CA HIS B 267 -18.95 5.73 14.07
C HIS B 267 -18.41 4.31 14.26
N HIS B 268 -17.23 4.23 14.88
CA HIS B 268 -16.61 2.94 15.00
C HIS B 268 -17.11 2.07 16.16
N GLY B 269 -17.77 2.72 17.12
CA GLY B 269 -18.56 2.01 18.12
C GLY B 269 -19.63 1.22 17.38
N MET B 270 -20.31 1.88 16.43
CA MET B 270 -21.36 1.21 15.71
C MET B 270 -20.81 0.08 14.85
N ILE B 271 -19.69 0.33 14.19
CA ILE B 271 -19.08 -0.73 13.39
C ILE B 271 -18.81 -1.93 14.26
N ASP B 272 -18.31 -1.68 15.48
CA ASP B 272 -17.96 -2.77 16.38
C ASP B 272 -19.20 -3.46 16.89
N ARG B 273 -20.25 -2.67 17.09
CA ARG B 273 -21.51 -3.18 17.58
C ARG B 273 -21.99 -4.14 16.54
N VAL B 274 -21.99 -3.69 15.30
CA VAL B 274 -22.55 -4.50 14.22
C VAL B 274 -21.72 -5.76 14.07
N TRP B 275 -20.42 -5.66 14.14
CA TRP B 275 -19.65 -6.86 14.09
C TRP B 275 -20.00 -7.79 15.25
N TRP B 276 -20.02 -7.27 16.48
CA TRP B 276 -20.36 -8.06 17.69
C TRP B 276 -21.72 -8.77 17.54
N ILE B 277 -22.73 -8.02 17.12
CA ILE B 277 -24.04 -8.58 16.86
C ILE B 277 -23.93 -9.76 15.92
N TRP B 278 -23.19 -9.58 14.84
CA TRP B 278 -23.05 -10.59 13.80
C TRP B 278 -22.31 -11.84 14.32
N GLN B 279 -21.28 -11.61 15.14
CA GLN B 279 -20.57 -12.72 15.79
C GLN B 279 -21.54 -13.50 16.65
N ASN B 280 -22.35 -12.78 17.43
CA ASN B 280 -23.23 -13.43 18.40
C ASN B 280 -24.42 -14.18 17.81
N LEU B 281 -24.66 -14.05 16.51
CA LEU B 281 -25.71 -14.87 15.89
C LEU B 281 -25.30 -16.35 15.80
N ASP B 282 -23.98 -16.61 15.80
CA ASP B 282 -23.43 -17.98 15.70
C ASP B 282 -21.96 -18.10 16.16
N LEU B 283 -21.76 -18.08 17.47
CA LEU B 283 -20.43 -18.06 18.07
C LEU B 283 -19.51 -19.23 17.71
N ARG B 284 -20.07 -20.42 17.47
CA ARG B 284 -19.21 -21.59 17.17
C ARG B 284 -18.34 -21.25 15.98
N LYS B 285 -18.98 -20.79 14.90
CA LYS B 285 -18.28 -20.48 13.67
C LYS B 285 -17.69 -19.07 13.62
N ARG B 286 -18.38 -18.08 14.20
CA ARG B 286 -18.01 -16.67 13.96
C ARG B 286 -17.14 -15.96 15.01
N GLN B 287 -17.01 -16.55 16.18
CA GLN B 287 -16.23 -15.95 17.26
C GLN B 287 -14.79 -15.65 16.86
N ASN B 288 -14.15 -16.60 16.17
CA ASN B 288 -12.75 -16.49 15.78
C ASN B 288 -12.56 -16.48 14.26
N ALA B 289 -13.60 -16.10 13.54
CA ALA B 289 -13.58 -16.08 12.08
C ALA B 289 -12.71 -14.92 11.55
N ILE B 290 -11.83 -15.23 10.60
CA ILE B 290 -10.85 -14.29 10.04
C ILE B 290 -10.68 -14.63 8.56
N SER B 291 -10.60 -13.60 7.70
CA SER B 291 -10.23 -13.83 6.31
C SER B 291 -9.58 -12.61 5.72
N GLY B 292 -8.66 -12.78 4.78
CA GLY B 292 -7.98 -11.63 4.21
C GLY B 292 -6.52 -11.56 4.62
N THR B 293 -5.78 -10.61 4.08
CA THR B 293 -4.34 -10.58 4.29
C THR B 293 -3.93 -9.36 5.06
N GLY B 294 -2.62 -9.12 5.11
CA GLY B 294 -2.07 -8.01 5.89
C GLY B 294 -1.86 -6.74 5.10
N THR B 295 -2.42 -6.72 3.88
CA THR B 295 -2.37 -5.58 2.93
C THR B 295 -3.72 -5.24 2.29
N PHE B 296 -3.94 -3.95 2.12
CA PHE B 296 -5.14 -3.37 1.54
C PHE B 296 -5.51 -4.02 0.21
N MET B 297 -6.67 -4.68 0.19
CA MET B 297 -7.14 -5.47 -0.97
C MET B 297 -6.10 -6.48 -1.46
N ASN B 298 -5.20 -6.89 -0.57
CA ASN B 298 -4.09 -7.80 -0.89
C ASN B 298 -3.15 -7.27 -1.99
N ASN B 299 -2.90 -5.95 -1.98
CA ASN B 299 -2.08 -5.28 -2.99
C ASN B 299 -1.00 -4.43 -2.33
N PRO B 300 0.29 -4.87 -2.36
CA PRO B 300 0.84 -6.11 -2.91
C PRO B 300 0.38 -7.30 -2.10
N ALA B 301 0.66 -8.50 -2.58
CA ALA B 301 0.33 -9.72 -1.84
C ALA B 301 1.08 -9.85 -0.52
N SER B 302 0.39 -10.40 0.48
CA SER B 302 1.02 -10.65 1.77
C SER B 302 0.49 -11.97 2.34
N PRO B 303 1.08 -12.45 3.45
CA PRO B 303 0.53 -13.60 4.16
C PRO B 303 -0.90 -13.37 4.67
N ASN B 304 -1.69 -14.45 4.72
CA ASN B 304 -2.98 -14.49 5.38
C ASN B 304 -2.86 -14.10 6.84
N THR B 305 -3.75 -13.22 7.28
CA THR B 305 -3.90 -12.97 8.70
C THR B 305 -4.26 -14.26 9.42
N THR B 306 -3.63 -14.52 10.57
CA THR B 306 -4.05 -15.64 11.41
C THR B 306 -4.16 -15.19 12.85
N LEU B 307 -4.79 -16.05 13.68
CA LEU B 307 -4.96 -15.75 15.10
C LEU B 307 -3.62 -15.37 15.77
N ASP B 308 -2.48 -15.76 15.18
CA ASP B 308 -1.15 -15.47 15.73
C ASP B 308 -0.57 -14.17 15.22
N THR B 309 -1.23 -13.56 14.23
CA THR B 309 -0.80 -12.30 13.64
C THR B 309 -0.83 -11.30 14.76
N VAL B 310 0.26 -10.57 14.93
CA VAL B 310 0.37 -9.58 16.01
C VAL B 310 0.11 -8.18 15.44
N ILE B 311 -0.58 -7.34 16.19
CA ILE B 311 -0.77 -5.95 15.75
C ILE B 311 -0.45 -5.02 16.91
N ASP B 312 -0.16 -3.75 16.58
CA ASP B 312 0.12 -2.72 17.60
C ASP B 312 -0.49 -1.43 17.15
N LEU B 313 -0.58 -0.47 18.07
CA LEU B 313 -1.11 0.84 17.78
C LEU B 313 0.00 1.88 17.90
N GLY B 314 1.24 1.41 17.76
CA GLY B 314 2.42 2.27 17.85
C GLY B 314 2.52 2.98 19.18
N TYR B 315 2.69 4.30 19.14
CA TYR B 315 2.81 5.11 20.35
C TYR B 315 1.47 5.69 20.84
N ALA B 316 0.35 5.22 20.29
CA ALA B 316 -0.95 5.73 20.70
C ALA B 316 -1.28 5.27 22.11
N ASN B 317 -1.28 3.97 22.35
CA ASN B 317 -1.57 3.40 23.66
C ASN B 317 -1.47 1.89 23.56
N GLY B 318 -1.28 1.23 24.71
CA GLY B 318 -1.24 -0.22 24.73
C GLY B 318 0.03 -0.78 24.11
N GLY B 319 0.08 -2.09 23.93
CA GLY B 319 1.25 -2.77 23.38
C GLY B 319 0.83 -3.73 22.28
N PRO B 320 1.81 -4.45 21.71
CA PRO B 320 1.53 -5.49 20.73
C PRO B 320 0.58 -6.55 21.32
N ILE B 321 -0.29 -7.07 20.48
CA ILE B 321 -1.30 -8.03 20.89
C ILE B 321 -1.65 -8.91 19.67
N ALA B 322 -1.88 -10.20 19.92
CA ALA B 322 -2.24 -11.12 18.85
C ALA B 322 -3.75 -11.09 18.52
N MET B 323 -4.10 -11.35 17.27
CA MET B 323 -5.48 -11.44 16.85
C MET B 323 -6.35 -12.33 17.72
N ARG B 324 -5.82 -13.44 18.21
CA ARG B 324 -6.68 -14.37 18.98
C ARG B 324 -7.24 -13.71 20.22
N ASP B 325 -6.54 -12.70 20.72
CA ASP B 325 -6.94 -12.02 21.94
C ASP B 325 -7.97 -10.93 21.69
N LEU B 326 -8.17 -10.57 20.42
CA LEU B 326 -9.06 -9.49 20.03
C LEU B 326 -10.44 -9.92 19.55
N MET B 327 -10.66 -11.22 19.42
CA MET B 327 -11.85 -11.68 18.75
C MET B 327 -13.17 -11.53 19.54
N SER B 328 -13.07 -11.42 20.87
CA SER B 328 -14.25 -11.39 21.74
C SER B 328 -14.31 -10.16 22.63
N THR B 329 -15.46 -9.51 22.68
CA THR B 329 -15.66 -8.35 23.55
C THR B 329 -15.66 -8.75 25.03
N THR B 330 -15.66 -10.06 25.31
CA THR B 330 -15.65 -10.54 26.71
C THR B 330 -14.49 -11.50 27.03
N ALA B 331 -13.42 -11.40 26.25
CA ALA B 331 -12.16 -12.10 26.51
C ALA B 331 -10.98 -11.18 26.26
N GLY B 332 -9.76 -11.72 26.38
CA GLY B 332 -8.53 -10.96 26.24
C GLY B 332 -8.62 -9.73 27.12
N PRO B 333 -8.35 -8.55 26.53
CA PRO B 333 -8.33 -7.34 27.36
C PRO B 333 -9.73 -6.68 27.48
N PHE B 334 -10.74 -7.33 26.91
CA PHE B 334 -12.02 -6.68 26.76
C PHE B 334 -13.02 -7.25 27.71
N CYS B 335 -13.85 -6.39 28.28
CA CYS B 335 -15.00 -6.84 29.04
C CYS B 335 -16.20 -5.90 28.83
N TYR B 336 -16.90 -6.07 27.70
CA TYR B 336 -18.03 -5.19 27.38
C TYR B 336 -19.08 -5.81 26.48
N VAL B 337 -20.28 -5.22 26.47
CA VAL B 337 -21.32 -5.57 25.50
C VAL B 337 -21.98 -4.27 24.99
N TYR B 338 -22.89 -4.40 24.04
CA TYR B 338 -23.62 -3.25 23.52
C TYR B 338 -25.06 -3.35 23.95
N LEU B 339 -25.63 -2.24 24.39
CA LEU B 339 -27.08 -2.11 24.47
C LEU B 339 -27.60 -1.40 23.22
#